data_6RV4
#
_entry.id   6RV4
#
_cell.length_a   45.100
_cell.length_b   201.330
_cell.length_c   238.570
_cell.angle_alpha   90.00
_cell.angle_beta   90.00
_cell.angle_gamma   90.00
#
_symmetry.space_group_name_H-M   'P 2 21 21'
#
loop_
_entity.id
_entity.type
_entity.pdbx_description
1 polymer 'Potassium channel subfamily K member 3'
2 non-polymer 'POTASSIUM ION'
3 non-polymer 'CHOLESTEROL HEMISUCCINATE'
4 non-polymer [4-[[2-(4-chlorophenyl)imidazo[1,2-a]pyridin-3-yl]methyl]piperazin-1-yl]-[6-(trifluoromethyloxy)pyridin-2-yl]methanone
5 non-polymer 1,2-DIACYL-SN-GLYCERO-3-PHOSPHOCHOLINE
#
_entity_poly.entity_id   1
_entity_poly.type   'polypeptide(L)'
_entity_poly.pdbx_seq_one_letter_code
;MKRQNVRTLALIVCTFTYLLVGAAVFDALESEPELIERQRLELRQQELRARYNLSQGGYEELERVVLRLKPHKAGVQWRF
AGSFYFAITVITTIGYGHAAPSTDGGKVFCMFYALLGIPLTLVMFQSLGERINTLVRYLLHRAKKGLGMRRADVSMANMV
LIGFFSCISTLCIGAAAFSHYEHWTFFQAYYYCFITLTTIGFGDYVALQKDQALQTQPQYVAFSFVYILTGLTVIGAFLN
LVVLRFMTMNAEDEKRDAENLYFQ
;
_entity_poly.pdbx_strand_id   A,B,C,D
#
loop_
_chem_comp.id
_chem_comp.type
_chem_comp.name
_chem_comp.formula
K non-polymer 'POTASSIUM ION' 'K 1'
KKZ non-polymer [4-[[2-(4-chlorophenyl)imidazo[1,2-a]pyridin-3-yl]methyl]piperazin-1-yl]-[6-(trifluoromethyloxy)pyridin-2-yl]methanone 'C25 H21 Cl F3 N5 O2'
PC1 non-polymer 1,2-DIACYL-SN-GLYCERO-3-PHOSPHOCHOLINE 'C44 H88 N O8 P'
Y01 non-polymer 'CHOLESTEROL HEMISUCCINATE' 'C31 H50 O4'
#
# COMPACT_ATOMS: atom_id res chain seq x y z
N MET A 1 -37.00 -25.95 -13.76
CA MET A 1 -35.94 -25.29 -14.53
C MET A 1 -35.56 -26.12 -15.76
N LYS A 2 -35.27 -25.42 -16.89
CA LYS A 2 -34.88 -26.02 -18.18
C LYS A 2 -33.55 -26.76 -18.07
N ARG A 3 -33.36 -27.82 -18.88
CA ARG A 3 -32.14 -28.64 -18.92
C ARG A 3 -30.88 -27.79 -19.22
N GLN A 4 -31.00 -26.83 -20.14
CA GLN A 4 -29.95 -25.90 -20.57
C GLN A 4 -29.45 -25.05 -19.40
N ASN A 5 -30.39 -24.49 -18.61
CA ASN A 5 -30.12 -23.65 -17.44
C ASN A 5 -29.51 -24.41 -16.27
N VAL A 6 -29.93 -25.68 -16.07
CA VAL A 6 -29.40 -26.55 -15.02
C VAL A 6 -27.94 -26.91 -15.35
N ARG A 7 -27.68 -27.33 -16.61
CA ARG A 7 -26.36 -27.70 -17.12
C ARG A 7 -25.38 -26.51 -17.02
N THR A 8 -25.82 -25.30 -17.39
CA THR A 8 -25.00 -24.08 -17.33
C THR A 8 -24.65 -23.73 -15.89
N LEU A 9 -25.66 -23.66 -14.98
CA LEU A 9 -25.46 -23.35 -13.56
C LEU A 9 -24.56 -24.36 -12.86
N ALA A 10 -24.67 -25.66 -13.22
CA ALA A 10 -23.84 -26.74 -12.66
C ALA A 10 -22.38 -26.54 -13.07
N LEU A 11 -22.12 -26.21 -14.36
CA LEU A 11 -20.79 -25.97 -14.91
C LEU A 11 -20.09 -24.77 -14.26
N ILE A 12 -20.86 -23.68 -13.98
CA ILE A 12 -20.35 -22.47 -13.31
C ILE A 12 -19.91 -22.83 -11.88
N VAL A 13 -20.77 -23.56 -11.12
CA VAL A 13 -20.50 -24.02 -9.76
C VAL A 13 -19.26 -24.94 -9.77
N CYS A 14 -19.18 -25.86 -10.76
CA CYS A 14 -18.06 -26.78 -10.94
C CYS A 14 -16.75 -26.05 -11.18
N THR A 15 -16.73 -25.10 -12.13
CA THR A 15 -15.53 -24.30 -12.48
C THR A 15 -15.03 -23.47 -11.30
N PHE A 16 -15.95 -22.78 -10.58
CA PHE A 16 -15.58 -21.96 -9.41
C PHE A 16 -15.07 -22.79 -8.24
N THR A 17 -15.66 -23.97 -7.99
CA THR A 17 -15.21 -24.86 -6.91
C THR A 17 -13.89 -25.52 -7.30
N TYR A 18 -13.67 -25.78 -8.62
CA TYR A 18 -12.44 -26.36 -9.16
C TYR A 18 -11.31 -25.35 -9.03
N LEU A 19 -11.64 -24.04 -9.10
CA LEU A 19 -10.70 -22.94 -8.92
C LEU A 19 -10.32 -22.81 -7.45
N LEU A 20 -11.31 -22.94 -6.52
CA LEU A 20 -11.11 -22.87 -5.07
C LEU A 20 -10.28 -24.06 -4.59
N VAL A 21 -10.51 -25.26 -5.16
CA VAL A 21 -9.77 -26.48 -4.84
C VAL A 21 -8.31 -26.33 -5.32
N GLY A 22 -8.15 -25.86 -6.56
CA GLY A 22 -6.85 -25.60 -7.18
C GLY A 22 -6.02 -24.59 -6.41
N ALA A 23 -6.64 -23.45 -6.05
CA ALA A 23 -6.01 -22.37 -5.26
C ALA A 23 -5.55 -22.88 -3.89
N ALA A 24 -6.33 -23.81 -3.29
CA ALA A 24 -6.03 -24.42 -1.99
C ALA A 24 -4.84 -25.38 -2.10
N VAL A 25 -4.77 -26.19 -3.17
CA VAL A 25 -3.70 -27.16 -3.42
C VAL A 25 -2.40 -26.46 -3.82
N PHE A 26 -2.48 -25.50 -4.78
CA PHE A 26 -1.31 -24.73 -5.24
C PHE A 26 -0.69 -23.87 -4.13
N ASP A 27 -1.49 -23.53 -3.09
CA ASP A 27 -1.03 -22.81 -1.91
C ASP A 27 -0.13 -23.77 -1.09
N ALA A 28 -0.66 -24.97 -0.77
CA ALA A 28 0.02 -26.02 0.00
C ALA A 28 1.36 -26.48 -0.61
N LEU A 29 1.43 -26.57 -1.95
CA LEU A 29 2.61 -27.04 -2.68
C LEU A 29 3.64 -25.95 -3.00
N GLU A 30 3.20 -24.69 -3.22
CA GLU A 30 4.10 -23.63 -3.67
C GLU A 30 4.33 -22.45 -2.71
N SER A 31 3.48 -22.21 -1.68
CA SER A 31 3.64 -21.08 -0.75
C SER A 31 4.96 -21.12 0.04
N GLU A 32 5.21 -22.23 0.77
CA GLU A 32 6.43 -22.41 1.57
C GLU A 32 7.71 -22.42 0.70
N PRO A 33 7.82 -23.16 -0.44
CA PRO A 33 9.06 -23.10 -1.24
C PRO A 33 9.39 -21.73 -1.82
N GLU A 34 8.35 -20.93 -2.19
CA GLU A 34 8.52 -19.57 -2.73
C GLU A 34 9.08 -18.63 -1.65
N LEU A 35 8.59 -18.78 -0.41
CA LEU A 35 9.04 -18.01 0.76
C LEU A 35 10.51 -18.38 1.10
N ILE A 36 10.85 -19.67 0.94
CA ILE A 36 12.18 -20.23 1.16
C ILE A 36 13.14 -19.70 0.08
N GLU A 37 12.71 -19.73 -1.21
CA GLU A 37 13.50 -19.26 -2.35
C GLU A 37 13.75 -17.76 -2.30
N ARG A 38 12.75 -16.95 -1.88
CA ARG A 38 12.85 -15.49 -1.78
C ARG A 38 13.91 -15.08 -0.77
N GLN A 39 13.85 -15.66 0.45
CA GLN A 39 14.79 -15.38 1.54
C GLN A 39 16.21 -15.85 1.19
N ARG A 40 16.32 -16.99 0.45
CA ARG A 40 17.58 -17.55 -0.02
C ARG A 40 18.23 -16.63 -1.06
N LEU A 41 17.43 -16.12 -2.02
CA LEU A 41 17.90 -15.23 -3.09
C LEU A 41 18.26 -13.85 -2.56
N GLU A 42 17.54 -13.35 -1.54
CA GLU A 42 17.79 -12.05 -0.92
C GLU A 42 19.13 -12.07 -0.16
N LEU A 43 19.51 -13.26 0.38
CA LEU A 43 20.78 -13.49 1.07
C LEU A 43 21.94 -13.53 0.06
N ARG A 44 21.67 -14.08 -1.15
CA ARG A 44 22.61 -14.19 -2.26
C ARG A 44 22.83 -12.82 -2.91
N GLN A 45 21.76 -11.98 -2.96
CA GLN A 45 21.76 -10.63 -3.50
C GLN A 45 22.63 -9.72 -2.65
N GLN A 46 22.50 -9.80 -1.30
CA GLN A 46 23.27 -9.04 -0.33
C GLN A 46 24.75 -9.46 -0.33
N GLU A 47 25.02 -10.77 -0.51
CA GLU A 47 26.37 -11.34 -0.54
C GLU A 47 27.17 -10.86 -1.76
N LEU A 48 26.56 -10.89 -2.95
CA LEU A 48 27.19 -10.45 -4.19
C LEU A 48 27.30 -8.92 -4.29
N ARG A 49 26.39 -8.18 -3.63
CA ARG A 49 26.41 -6.72 -3.58
C ARG A 49 27.59 -6.24 -2.73
N ALA A 50 27.92 -7.01 -1.67
CA ALA A 50 29.05 -6.73 -0.77
C ALA A 50 30.38 -7.14 -1.41
N ARG A 51 30.40 -8.25 -2.17
CA ARG A 51 31.58 -8.79 -2.85
C ARG A 51 32.10 -7.90 -3.98
N TYR A 52 31.19 -7.26 -4.75
CA TYR A 52 31.54 -6.39 -5.87
C TYR A 52 31.27 -4.89 -5.61
N ASN A 53 31.21 -4.50 -4.30
CA ASN A 53 31.01 -3.14 -3.79
C ASN A 53 29.90 -2.37 -4.54
N LEU A 54 28.66 -2.86 -4.43
CA LEU A 54 27.49 -2.29 -5.12
C LEU A 54 26.51 -1.61 -4.17
N SER A 55 26.01 -0.44 -4.59
CA SER A 55 25.03 0.36 -3.85
C SER A 55 23.60 -0.06 -4.27
N GLN A 56 22.58 0.61 -3.69
CA GLN A 56 21.16 0.35 -3.99
C GLN A 56 20.87 0.68 -5.47
N GLY A 57 21.36 1.84 -5.91
CA GLY A 57 21.21 2.31 -7.30
C GLY A 57 22.11 1.56 -8.26
N GLY A 58 23.31 1.19 -7.78
CA GLY A 58 24.31 0.45 -8.54
C GLY A 58 23.84 -0.91 -8.99
N TYR A 59 23.13 -1.63 -8.09
CA TYR A 59 22.55 -2.94 -8.37
C TYR A 59 21.34 -2.79 -9.31
N GLU A 60 20.48 -1.77 -9.04
CA GLU A 60 19.27 -1.46 -9.80
C GLU A 60 19.55 -1.10 -11.27
N GLU A 61 20.69 -0.41 -11.53
CA GLU A 61 21.12 -0.03 -12.89
C GLU A 61 21.49 -1.28 -13.68
N LEU A 62 22.20 -2.22 -13.04
CA LEU A 62 22.61 -3.50 -13.64
C LEU A 62 21.42 -4.45 -13.77
N GLU A 63 20.44 -4.31 -12.87
CA GLU A 63 19.21 -5.11 -12.82
C GLU A 63 18.38 -4.91 -14.09
N ARG A 64 18.19 -3.63 -14.52
CA ARG A 64 17.43 -3.25 -15.70
C ARG A 64 18.04 -3.78 -17.00
N VAL A 65 19.39 -3.75 -17.11
CA VAL A 65 20.14 -4.20 -18.28
C VAL A 65 20.04 -5.72 -18.47
N VAL A 66 20.18 -6.50 -17.38
CA VAL A 66 20.10 -7.96 -17.37
C VAL A 66 18.70 -8.44 -17.82
N LEU A 67 17.63 -7.79 -17.29
CA LEU A 67 16.24 -8.10 -17.61
C LEU A 67 15.89 -7.79 -19.08
N ARG A 68 16.36 -6.63 -19.59
CA ARG A 68 16.13 -6.19 -20.97
C ARG A 68 16.92 -7.00 -22.01
N LEU A 69 18.05 -7.61 -21.60
CA LEU A 69 18.90 -8.44 -22.45
C LEU A 69 18.46 -9.90 -22.53
N LYS A 70 17.54 -10.33 -21.62
CA LYS A 70 17.01 -11.70 -21.54
C LYS A 70 16.46 -12.22 -22.90
N PRO A 71 15.58 -11.51 -23.65
CA PRO A 71 15.11 -12.06 -24.95
C PRO A 71 16.21 -12.10 -26.02
N HIS A 72 17.21 -11.20 -25.90
CA HIS A 72 18.35 -11.10 -26.82
C HIS A 72 19.37 -12.21 -26.57
N LYS A 73 19.47 -12.72 -25.32
CA LYS A 73 20.37 -13.79 -24.88
C LYS A 73 20.22 -15.08 -25.69
N ALA A 74 18.96 -15.43 -26.04
CA ALA A 74 18.61 -16.61 -26.84
C ALA A 74 19.04 -16.49 -28.31
N GLY A 75 19.29 -15.26 -28.75
CA GLY A 75 19.72 -14.93 -30.11
C GLY A 75 18.73 -14.04 -30.84
N VAL A 76 18.81 -14.01 -32.18
CA VAL A 76 17.93 -13.23 -33.05
C VAL A 76 16.54 -13.92 -33.08
N GLN A 77 15.56 -13.26 -32.47
CA GLN A 77 14.18 -13.75 -32.31
C GLN A 77 13.21 -13.23 -33.37
N TRP A 78 13.66 -12.36 -34.29
CA TRP A 78 12.75 -11.74 -35.25
C TRP A 78 13.11 -11.90 -36.74
N ARG A 79 14.02 -12.80 -37.11
CA ARG A 79 14.32 -13.05 -38.53
C ARG A 79 13.21 -13.97 -39.11
N PHE A 80 13.40 -14.64 -40.27
CA PHE A 80 12.34 -15.49 -40.83
C PHE A 80 11.92 -16.62 -39.88
N ALA A 81 12.88 -17.42 -39.38
CA ALA A 81 12.63 -18.53 -38.45
C ALA A 81 12.08 -18.04 -37.10
N GLY A 82 12.59 -16.89 -36.65
CA GLY A 82 12.19 -16.25 -35.39
C GLY A 82 10.75 -15.76 -35.42
N SER A 83 10.36 -15.15 -36.56
CA SER A 83 9.01 -14.62 -36.81
C SER A 83 8.01 -15.73 -37.12
N PHE A 84 8.48 -16.84 -37.75
CA PHE A 84 7.64 -18.00 -38.09
C PHE A 84 7.25 -18.74 -36.80
N TYR A 85 8.22 -18.91 -35.87
CA TYR A 85 8.03 -19.53 -34.55
C TYR A 85 7.06 -18.69 -33.73
N PHE A 86 7.19 -17.33 -33.81
CA PHE A 86 6.32 -16.39 -33.13
C PHE A 86 4.90 -16.45 -33.71
N ALA A 87 4.79 -16.49 -35.06
CA ALA A 87 3.52 -16.58 -35.79
C ALA A 87 2.73 -17.82 -35.34
N ILE A 88 3.44 -18.96 -35.07
CA ILE A 88 2.85 -20.20 -34.58
C ILE A 88 2.19 -19.94 -33.21
N THR A 89 2.97 -19.43 -32.23
CA THR A 89 2.53 -19.13 -30.85
C THR A 89 1.29 -18.21 -30.77
N VAL A 90 1.08 -17.35 -31.79
CA VAL A 90 -0.06 -16.44 -31.85
C VAL A 90 -1.34 -17.17 -32.28
N ILE A 91 -1.35 -17.70 -33.53
CA ILE A 91 -2.50 -18.37 -34.13
C ILE A 91 -2.88 -19.68 -33.41
N THR A 92 -1.92 -20.36 -32.75
CA THR A 92 -2.18 -21.59 -32.00
C THR A 92 -2.53 -21.31 -30.53
N THR A 93 -2.55 -20.02 -30.13
CA THR A 93 -2.84 -19.48 -28.78
C THR A 93 -1.85 -19.97 -27.69
N ILE A 94 -0.67 -20.51 -28.08
CA ILE A 94 0.36 -20.96 -27.13
C ILE A 94 0.94 -19.72 -26.40
N GLY A 95 1.47 -18.78 -27.20
CA GLY A 95 2.04 -17.51 -26.74
C GLY A 95 2.98 -17.59 -25.55
N TYR A 96 4.18 -18.17 -25.75
CA TYR A 96 5.20 -18.33 -24.70
C TYR A 96 5.59 -16.99 -24.10
N GLY A 97 5.74 -15.97 -24.94
CA GLY A 97 6.14 -14.64 -24.53
C GLY A 97 7.64 -14.46 -24.47
N HIS A 98 8.40 -15.44 -25.03
CA HIS A 98 9.86 -15.43 -25.13
C HIS A 98 10.27 -14.27 -26.06
N ALA A 99 9.45 -14.06 -27.11
CA ALA A 99 9.53 -13.02 -28.12
C ALA A 99 8.14 -12.41 -28.22
N ALA A 100 8.03 -11.10 -28.00
CA ALA A 100 6.77 -10.34 -28.04
C ALA A 100 6.96 -9.09 -28.90
N PRO A 101 5.91 -8.56 -29.58
CA PRO A 101 6.11 -7.37 -30.43
C PRO A 101 6.50 -6.13 -29.63
N SER A 102 7.76 -5.71 -29.77
CA SER A 102 8.31 -4.55 -29.08
C SER A 102 7.82 -3.22 -29.67
N THR A 103 7.44 -3.22 -30.96
CA THR A 103 6.93 -2.03 -31.66
C THR A 103 5.41 -1.90 -31.57
N ASP A 104 4.90 -0.65 -31.68
CA ASP A 104 3.48 -0.32 -31.66
C ASP A 104 2.75 -0.98 -32.85
N GLY A 105 3.36 -0.88 -34.04
CA GLY A 105 2.83 -1.46 -35.28
C GLY A 105 2.78 -2.96 -35.26
N GLY A 106 3.79 -3.57 -34.65
CA GLY A 106 3.91 -5.02 -34.47
C GLY A 106 2.80 -5.54 -33.58
N LYS A 107 2.47 -4.78 -32.51
CA LYS A 107 1.40 -5.09 -31.56
C LYS A 107 0.03 -5.04 -32.24
N VAL A 108 -0.17 -4.05 -33.15
CA VAL A 108 -1.40 -3.85 -33.92
C VAL A 108 -1.57 -5.00 -34.91
N PHE A 109 -0.54 -5.27 -35.74
CA PHE A 109 -0.58 -6.37 -36.71
C PHE A 109 -0.80 -7.71 -36.01
N CYS A 110 -0.21 -7.91 -34.81
CA CYS A 110 -0.37 -9.12 -34.00
C CYS A 110 -1.84 -9.35 -33.63
N MET A 111 -2.58 -8.24 -33.32
CA MET A 111 -4.00 -8.30 -32.97
C MET A 111 -4.87 -8.66 -34.18
N PHE A 112 -4.65 -8.00 -35.34
CA PHE A 112 -5.35 -8.29 -36.59
C PHE A 112 -5.05 -9.70 -37.09
N TYR A 113 -3.79 -10.14 -36.95
CA TYR A 113 -3.28 -11.46 -37.32
C TYR A 113 -3.95 -12.55 -36.50
N ALA A 114 -4.15 -12.30 -35.19
CA ALA A 114 -4.78 -13.23 -34.25
C ALA A 114 -6.29 -13.33 -34.47
N LEU A 115 -6.95 -12.18 -34.76
CA LEU A 115 -8.39 -12.06 -35.01
C LEU A 115 -8.90 -13.02 -36.10
N LEU A 116 -8.13 -13.15 -37.20
CA LEU A 116 -8.45 -14.02 -38.33
C LEU A 116 -7.73 -15.37 -38.25
N GLY A 117 -6.51 -15.36 -37.71
CA GLY A 117 -5.65 -16.53 -37.57
C GLY A 117 -6.14 -17.62 -36.63
N ILE A 118 -6.39 -17.26 -35.35
CA ILE A 118 -6.86 -18.19 -34.31
C ILE A 118 -8.09 -19.00 -34.81
N PRO A 119 -9.19 -18.39 -35.35
CA PRO A 119 -10.31 -19.22 -35.86
C PRO A 119 -9.91 -20.15 -37.01
N LEU A 120 -9.07 -19.65 -37.95
CA LEU A 120 -8.57 -20.42 -39.10
C LEU A 120 -7.78 -21.66 -38.65
N THR A 121 -6.88 -21.49 -37.67
CA THR A 121 -6.03 -22.53 -37.09
C THR A 121 -6.87 -23.57 -36.34
N LEU A 122 -7.82 -23.08 -35.49
CA LEU A 122 -8.75 -23.90 -34.70
C LEU A 122 -9.58 -24.81 -35.61
N VAL A 123 -10.19 -24.24 -36.67
CA VAL A 123 -11.00 -24.95 -37.65
C VAL A 123 -10.15 -25.99 -38.41
N MET A 124 -8.87 -25.63 -38.74
CA MET A 124 -7.91 -26.49 -39.42
C MET A 124 -7.59 -27.74 -38.58
N PHE A 125 -7.32 -27.55 -37.26
CA PHE A 125 -6.99 -28.64 -36.35
C PHE A 125 -8.17 -29.56 -36.08
N GLN A 126 -9.40 -29.01 -36.06
CA GLN A 126 -10.62 -29.80 -35.86
C GLN A 126 -10.98 -30.58 -37.12
N SER A 127 -10.71 -29.99 -38.31
CA SER A 127 -10.95 -30.62 -39.61
C SER A 127 -9.97 -31.77 -39.86
N LEU A 128 -8.64 -31.50 -39.70
CA LEU A 128 -7.58 -32.49 -39.87
C LEU A 128 -7.65 -33.56 -38.79
N GLY A 129 -8.06 -33.16 -37.58
CA GLY A 129 -8.24 -34.05 -36.45
C GLY A 129 -9.34 -35.06 -36.68
N GLU A 130 -10.44 -34.62 -37.34
CA GLU A 130 -11.59 -35.45 -37.71
C GLU A 130 -11.17 -36.49 -38.76
N ARG A 131 -10.32 -36.07 -39.74
CA ARG A 131 -9.82 -36.95 -40.80
C ARG A 131 -8.95 -38.06 -40.24
N ILE A 132 -8.18 -37.76 -39.16
CA ILE A 132 -7.33 -38.72 -38.46
C ILE A 132 -8.22 -39.73 -37.71
N ASN A 133 -9.27 -39.25 -37.01
CA ASN A 133 -10.23 -40.07 -36.28
C ASN A 133 -10.96 -41.01 -37.24
N THR A 134 -11.38 -40.50 -38.42
CA THR A 134 -12.06 -41.27 -39.47
C THR A 134 -11.12 -42.33 -40.06
N LEU A 135 -9.81 -42.00 -40.22
CA LEU A 135 -8.80 -42.94 -40.72
C LEU A 135 -8.54 -44.02 -39.68
N VAL A 136 -8.45 -43.65 -38.39
CA VAL A 136 -8.26 -44.56 -37.25
C VAL A 136 -9.46 -45.51 -37.15
N ARG A 137 -10.69 -44.96 -37.31
CA ARG A 137 -11.95 -45.70 -37.29
C ARG A 137 -11.98 -46.74 -38.42
N TYR A 138 -11.48 -46.35 -39.62
CA TYR A 138 -11.41 -47.23 -40.80
C TYR A 138 -10.34 -48.31 -40.63
N LEU A 139 -9.12 -47.92 -40.17
CA LEU A 139 -8.00 -48.83 -39.96
C LEU A 139 -8.31 -49.91 -38.90
N LEU A 140 -9.03 -49.54 -37.83
CA LEU A 140 -9.44 -50.44 -36.75
C LEU A 140 -10.53 -51.40 -37.25
N HIS A 141 -11.47 -50.89 -38.07
CA HIS A 141 -12.56 -51.68 -38.66
C HIS A 141 -11.99 -52.75 -39.60
N ARG A 142 -10.99 -52.37 -40.42
CA ARG A 142 -10.29 -53.23 -41.36
C ARG A 142 -9.45 -54.28 -40.61
N ALA A 143 -8.85 -53.89 -39.46
CA ALA A 143 -8.04 -54.76 -38.60
C ALA A 143 -8.93 -55.78 -37.87
N LYS A 144 -10.13 -55.35 -37.41
CA LYS A 144 -11.11 -56.18 -36.71
C LYS A 144 -11.61 -57.31 -37.61
N LYS A 145 -11.97 -56.98 -38.88
CA LYS A 145 -12.42 -57.98 -39.85
C LYS A 145 -11.26 -58.84 -40.36
N GLY A 146 -10.04 -58.26 -40.35
CA GLY A 146 -8.80 -58.92 -40.75
C GLY A 146 -8.45 -60.12 -39.89
N LEU A 147 -8.54 -59.96 -38.56
CA LEU A 147 -8.26 -61.04 -37.60
C LEU A 147 -9.43 -62.05 -37.48
N GLY A 148 -10.64 -61.60 -37.82
CA GLY A 148 -11.85 -62.41 -37.79
C GLY A 148 -12.82 -62.00 -36.69
N ALA A 152 -16.54 -56.28 -35.73
CA ALA A 152 -16.13 -55.35 -36.77
C ALA A 152 -16.49 -53.90 -36.43
N ASP A 153 -17.61 -53.69 -35.70
CA ASP A 153 -18.08 -52.36 -35.32
C ASP A 153 -17.13 -51.64 -34.35
N VAL A 154 -16.71 -50.42 -34.72
CA VAL A 154 -15.82 -49.58 -33.93
C VAL A 154 -16.67 -48.73 -32.97
N SER A 155 -16.43 -48.89 -31.65
CA SER A 155 -17.16 -48.16 -30.62
C SER A 155 -16.46 -46.87 -30.21
N MET A 156 -17.16 -46.03 -29.41
CA MET A 156 -16.65 -44.77 -28.88
C MET A 156 -15.51 -45.06 -27.89
N ALA A 157 -15.68 -46.10 -27.04
CA ALA A 157 -14.72 -46.55 -26.03
C ALA A 157 -13.37 -46.96 -26.65
N ASN A 158 -13.40 -47.61 -27.84
CA ASN A 158 -12.21 -48.02 -28.58
C ASN A 158 -11.49 -46.78 -29.12
N MET A 159 -12.26 -45.76 -29.56
CA MET A 159 -11.77 -44.50 -30.10
C MET A 159 -11.12 -43.63 -29.02
N VAL A 160 -11.71 -43.61 -27.81
CA VAL A 160 -11.19 -42.85 -26.66
C VAL A 160 -9.86 -43.49 -26.20
N LEU A 161 -9.78 -44.84 -26.20
CA LEU A 161 -8.59 -45.60 -25.83
C LEU A 161 -7.42 -45.29 -26.78
N ILE A 162 -7.62 -45.42 -28.11
CA ILE A 162 -6.61 -45.14 -29.14
C ILE A 162 -6.22 -43.66 -29.08
N GLY A 163 -7.21 -42.79 -28.92
CA GLY A 163 -7.03 -41.35 -28.81
C GLY A 163 -6.17 -40.95 -27.63
N PHE A 164 -6.47 -41.49 -26.43
CA PHE A 164 -5.74 -41.22 -25.19
C PHE A 164 -4.30 -41.71 -25.25
N PHE A 165 -4.07 -42.90 -25.85
CA PHE A 165 -2.74 -43.48 -26.02
C PHE A 165 -1.92 -42.68 -27.03
N SER A 166 -2.57 -42.16 -28.09
CA SER A 166 -1.95 -41.33 -29.14
C SER A 166 -1.42 -40.04 -28.54
N CYS A 167 -2.14 -39.48 -27.55
CA CYS A 167 -1.77 -38.25 -26.85
C CYS A 167 -0.52 -38.45 -26.00
N ILE A 168 -0.45 -39.59 -25.24
CA ILE A 168 0.71 -39.95 -24.41
C ILE A 168 1.93 -40.20 -25.29
N SER A 169 1.73 -40.93 -26.42
CA SER A 169 2.76 -41.25 -27.41
C SER A 169 3.37 -39.98 -28.00
N THR A 170 2.53 -38.97 -28.32
CA THR A 170 3.00 -37.69 -28.87
C THR A 170 3.81 -36.92 -27.82
N LEU A 171 3.37 -36.94 -26.54
CA LEU A 171 4.09 -36.30 -25.43
C LEU A 171 5.42 -37.01 -25.15
N CYS A 172 5.44 -38.36 -25.23
CA CYS A 172 6.63 -39.19 -24.99
C CYS A 172 7.68 -39.09 -26.09
N ILE A 173 7.25 -39.08 -27.37
CA ILE A 173 8.13 -38.93 -28.54
C ILE A 173 8.81 -37.55 -28.45
N GLY A 174 8.02 -36.53 -28.11
CA GLY A 174 8.49 -35.17 -27.93
C GLY A 174 9.47 -35.03 -26.79
N ALA A 175 9.07 -35.51 -25.58
CA ALA A 175 9.88 -35.51 -24.36
C ALA A 175 11.27 -36.12 -24.57
N ALA A 176 11.33 -37.28 -25.26
CA ALA A 176 12.58 -37.99 -25.59
C ALA A 176 13.49 -37.14 -26.49
N ALA A 177 12.89 -36.36 -27.42
CA ALA A 177 13.61 -35.50 -28.35
C ALA A 177 14.05 -34.18 -27.72
N PHE A 178 13.12 -33.46 -27.03
CA PHE A 178 13.42 -32.17 -26.39
C PHE A 178 14.38 -32.30 -25.22
N SER A 179 14.42 -33.46 -24.54
CA SER A 179 15.38 -33.69 -23.46
C SER A 179 16.78 -33.95 -24.05
N HIS A 180 16.84 -34.38 -25.32
CA HIS A 180 18.08 -34.65 -26.05
C HIS A 180 18.71 -33.38 -26.61
N TYR A 181 17.94 -32.59 -27.37
CA TYR A 181 18.42 -31.36 -28.00
C TYR A 181 18.52 -30.17 -27.05
N GLU A 182 17.45 -29.90 -26.26
CA GLU A 182 17.44 -28.77 -25.30
C GLU A 182 18.15 -29.08 -23.98
N HIS A 183 18.71 -30.30 -23.84
CA HIS A 183 19.44 -30.80 -22.67
C HIS A 183 18.66 -30.66 -21.35
N TRP A 184 17.33 -30.89 -21.40
CA TRP A 184 16.43 -30.89 -20.24
C TRP A 184 16.30 -32.36 -19.79
N THR A 185 15.67 -32.61 -18.63
CA THR A 185 15.42 -33.99 -18.17
C THR A 185 14.17 -34.48 -18.92
N PHE A 186 13.87 -35.79 -18.91
CA PHE A 186 12.67 -36.31 -19.59
C PHE A 186 11.41 -35.68 -19.01
N PHE A 187 11.36 -35.52 -17.67
CA PHE A 187 10.23 -34.90 -16.98
C PHE A 187 10.02 -33.43 -17.38
N GLN A 188 11.12 -32.63 -17.44
CA GLN A 188 11.10 -31.22 -17.82
C GLN A 188 10.60 -31.04 -19.26
N ALA A 189 11.09 -31.92 -20.16
CA ALA A 189 10.72 -31.96 -21.57
C ALA A 189 9.26 -32.44 -21.74
N TYR A 190 8.79 -33.36 -20.85
CA TYR A 190 7.43 -33.90 -20.85
C TYR A 190 6.48 -32.79 -20.40
N TYR A 191 6.89 -32.02 -19.38
CA TYR A 191 6.15 -30.89 -18.82
C TYR A 191 6.03 -29.79 -19.88
N TYR A 192 7.12 -29.55 -20.64
CA TYR A 192 7.15 -28.56 -21.72
C TYR A 192 6.16 -28.96 -22.82
N CYS A 193 6.19 -30.26 -23.24
CA CYS A 193 5.32 -30.80 -24.27
C CYS A 193 3.86 -30.76 -23.86
N PHE A 194 3.55 -30.97 -22.56
CA PHE A 194 2.19 -30.89 -22.05
C PHE A 194 1.68 -29.45 -22.14
N ILE A 195 2.43 -28.50 -21.55
CA ILE A 195 2.11 -27.06 -21.51
C ILE A 195 2.01 -26.47 -22.93
N THR A 196 2.81 -26.98 -23.90
CA THR A 196 2.78 -26.55 -25.30
C THR A 196 1.51 -27.00 -26.01
N LEU A 197 1.26 -28.34 -26.05
CA LEU A 197 0.13 -28.96 -26.74
C LEU A 197 -1.24 -28.69 -26.09
N THR A 198 -1.26 -28.14 -24.85
CA THR A 198 -2.51 -27.75 -24.17
C THR A 198 -2.77 -26.25 -24.39
N THR A 199 -1.87 -25.57 -25.15
CA THR A 199 -1.86 -24.16 -25.53
C THR A 199 -1.72 -23.21 -24.32
N ILE A 200 -1.27 -23.73 -23.16
CA ILE A 200 -1.05 -22.93 -21.95
C ILE A 200 0.16 -22.03 -22.21
N GLY A 201 1.27 -22.64 -22.64
CA GLY A 201 2.53 -21.97 -22.99
C GLY A 201 2.99 -20.91 -22.02
N PHE A 202 3.44 -21.34 -20.81
CA PHE A 202 3.92 -20.43 -19.76
C PHE A 202 5.11 -19.60 -20.24
N GLY A 203 6.11 -20.26 -20.81
CA GLY A 203 7.32 -19.61 -21.30
C GLY A 203 8.53 -19.93 -20.45
N ASP A 204 8.34 -20.71 -19.36
CA ASP A 204 9.39 -21.16 -18.45
C ASP A 204 10.33 -22.15 -19.15
N TYR A 205 9.78 -22.88 -20.14
CA TYR A 205 10.46 -23.83 -21.01
C TYR A 205 10.02 -23.50 -22.44
N VAL A 206 10.99 -23.13 -23.30
CA VAL A 206 10.78 -22.78 -24.71
C VAL A 206 11.89 -23.42 -25.53
N ALA A 207 11.52 -24.19 -26.57
CA ALA A 207 12.46 -24.83 -27.47
C ALA A 207 13.04 -23.80 -28.45
N LEU A 208 14.18 -24.14 -29.09
CA LEU A 208 14.92 -23.32 -30.07
C LEU A 208 15.54 -22.04 -29.45
N GLN A 209 15.60 -21.95 -28.10
CA GLN A 209 16.14 -20.79 -27.39
C GLN A 209 17.56 -21.04 -26.84
N LYS A 210 18.17 -22.17 -27.19
CA LYS A 210 19.51 -22.53 -26.75
C LYS A 210 20.49 -22.63 -27.92
N ASP A 211 21.72 -22.14 -27.73
CA ASP A 211 22.85 -22.14 -28.70
C ASP A 211 22.50 -21.54 -30.07
N GLN A 212 21.63 -20.49 -30.10
CA GLN A 212 21.17 -19.77 -31.29
C GLN A 212 20.58 -20.73 -32.35
N ALA A 213 19.78 -21.71 -31.88
CA ALA A 213 19.14 -22.76 -32.69
C ALA A 213 18.29 -22.25 -33.85
N LEU A 214 17.59 -21.12 -33.67
CA LEU A 214 16.74 -20.51 -34.70
C LEU A 214 17.48 -20.12 -35.97
N GLN A 215 18.77 -19.75 -35.85
CA GLN A 215 19.60 -19.33 -36.99
C GLN A 215 20.68 -20.35 -37.38
N THR A 216 21.22 -21.11 -36.40
CA THR A 216 22.31 -22.07 -36.64
C THR A 216 21.86 -23.53 -36.87
N GLN A 217 20.73 -23.96 -36.27
CA GLN A 217 20.23 -25.34 -36.40
C GLN A 217 18.90 -25.42 -37.19
N PRO A 218 18.93 -25.45 -38.55
CA PRO A 218 17.67 -25.50 -39.31
C PRO A 218 16.91 -26.82 -39.24
N GLN A 219 17.65 -27.95 -39.16
CA GLN A 219 17.08 -29.30 -39.08
C GLN A 219 16.23 -29.50 -37.81
N TYR A 220 16.72 -29.01 -36.66
CA TYR A 220 16.00 -29.10 -35.38
C TYR A 220 14.82 -28.10 -35.34
N VAL A 221 14.96 -26.94 -36.02
CA VAL A 221 13.89 -25.94 -36.12
C VAL A 221 12.74 -26.51 -36.96
N ALA A 222 13.08 -27.24 -38.04
CA ALA A 222 12.14 -27.92 -38.94
C ALA A 222 11.32 -28.95 -38.18
N PHE A 223 11.96 -29.69 -37.26
CA PHE A 223 11.34 -30.72 -36.41
C PHE A 223 10.39 -30.11 -35.38
N SER A 224 10.83 -29.05 -34.65
CA SER A 224 10.03 -28.39 -33.61
C SER A 224 8.76 -27.74 -34.15
N PHE A 225 8.80 -27.28 -35.41
CA PHE A 225 7.64 -26.68 -36.08
C PHE A 225 6.66 -27.79 -36.46
N VAL A 226 7.20 -28.91 -36.97
CA VAL A 226 6.43 -30.09 -37.37
C VAL A 226 5.79 -30.76 -36.14
N TYR A 227 6.54 -30.91 -35.03
CA TYR A 227 6.05 -31.50 -33.78
C TYR A 227 4.92 -30.71 -33.15
N ILE A 228 5.08 -29.37 -33.06
CA ILE A 228 4.06 -28.50 -32.47
C ILE A 228 2.76 -28.58 -33.30
N LEU A 229 2.86 -28.52 -34.63
CA LEU A 229 1.72 -28.59 -35.54
C LEU A 229 1.07 -29.98 -35.57
N THR A 230 1.85 -31.08 -35.67
CA THR A 230 1.29 -32.43 -35.67
C THR A 230 0.74 -32.82 -34.30
N GLY A 231 1.42 -32.38 -33.24
CA GLY A 231 1.04 -32.63 -31.85
C GLY A 231 -0.30 -32.01 -31.49
N LEU A 232 -0.54 -30.77 -31.94
CA LEU A 232 -1.80 -30.05 -31.71
C LEU A 232 -2.95 -30.70 -32.47
N THR A 233 -2.64 -31.42 -33.57
CA THR A 233 -3.62 -32.16 -34.38
C THR A 233 -4.06 -33.41 -33.62
N VAL A 234 -3.10 -34.10 -32.96
CA VAL A 234 -3.34 -35.30 -32.15
C VAL A 234 -4.26 -34.96 -30.96
N ILE A 235 -3.95 -33.85 -30.24
CA ILE A 235 -4.75 -33.35 -29.12
C ILE A 235 -6.10 -32.83 -29.65
N GLY A 236 -6.07 -32.11 -30.77
CA GLY A 236 -7.25 -31.56 -31.45
C GLY A 236 -8.24 -32.61 -31.92
N ALA A 237 -7.72 -33.81 -32.30
CA ALA A 237 -8.52 -34.95 -32.73
C ALA A 237 -9.28 -35.53 -31.54
N PHE A 238 -8.62 -35.60 -30.36
CA PHE A 238 -9.20 -36.10 -29.11
C PHE A 238 -10.27 -35.16 -28.58
N LEU A 239 -10.07 -33.84 -28.75
CA LEU A 239 -11.03 -32.80 -28.36
C LEU A 239 -12.28 -32.89 -29.25
N ASN A 240 -12.08 -33.09 -30.57
CA ASN A 240 -13.13 -33.22 -31.58
C ASN A 240 -14.00 -34.46 -31.29
N LEU A 241 -13.39 -35.50 -30.71
CA LEU A 241 -14.02 -36.76 -30.36
C LEU A 241 -14.77 -36.70 -29.00
N VAL A 242 -14.11 -36.16 -27.95
CA VAL A 242 -14.62 -36.15 -26.59
C VAL A 242 -15.21 -34.81 -26.11
N VAL A 243 -14.43 -33.72 -26.18
CA VAL A 243 -14.79 -32.41 -25.63
C VAL A 243 -15.84 -31.63 -26.45
N LEU A 244 -15.62 -31.47 -27.77
CA LEU A 244 -16.45 -30.70 -28.72
C LEU A 244 -17.95 -31.03 -28.69
N ARG A 245 -18.33 -32.29 -28.44
CA ARG A 245 -19.74 -32.70 -28.40
C ARG A 245 -20.56 -32.06 -27.27
N PHE A 246 -19.90 -31.64 -26.17
CA PHE A 246 -20.53 -31.01 -25.01
C PHE A 246 -20.72 -29.49 -25.14
N MET A 247 -20.09 -28.87 -26.15
CA MET A 247 -20.15 -27.43 -26.41
C MET A 247 -21.42 -27.05 -27.18
N THR A 248 -21.86 -27.91 -28.11
CA THR A 248 -23.05 -27.73 -28.94
C THR A 248 -24.33 -28.25 -28.23
N MET A 249 -24.16 -28.85 -27.04
CA MET A 249 -25.20 -29.44 -26.19
C MET A 249 -26.36 -28.50 -25.86
N ASN A 250 -26.04 -27.23 -25.53
CA ASN A 250 -27.04 -26.21 -25.20
C ASN A 250 -27.88 -25.80 -26.41
N ALA A 251 -27.25 -25.74 -27.60
CA ALA A 251 -27.88 -25.40 -28.88
C ALA A 251 -28.83 -26.52 -29.33
N GLU A 252 -28.46 -27.79 -29.06
CA GLU A 252 -29.25 -28.97 -29.40
C GLU A 252 -30.52 -29.05 -28.56
N ASP A 253 -30.41 -28.74 -27.25
CA ASP A 253 -31.54 -28.73 -26.31
C ASP A 253 -32.50 -27.58 -26.61
N GLU A 254 -31.96 -26.43 -27.09
CA GLU A 254 -32.74 -25.24 -27.47
C GLU A 254 -33.55 -25.55 -28.74
N LYS A 255 -32.97 -26.35 -29.67
CA LYS A 255 -33.61 -26.81 -30.90
C LYS A 255 -34.68 -27.84 -30.56
N ARG A 256 -34.41 -28.71 -29.56
CA ARG A 256 -35.32 -29.75 -29.05
C ARG A 256 -36.54 -29.12 -28.38
N ASP A 257 -36.36 -27.96 -27.72
CA ASP A 257 -37.43 -27.20 -27.05
C ASP A 257 -38.41 -26.62 -28.06
N ALA A 258 -37.88 -26.05 -29.18
CA ALA A 258 -38.65 -25.44 -30.26
C ALA A 258 -39.42 -26.48 -31.07
N MET B 1 -12.62 -35.94 -55.63
CA MET B 1 -12.30 -35.87 -54.21
C MET B 1 -13.51 -35.43 -53.39
N LYS B 2 -13.68 -36.02 -52.19
CA LYS B 2 -14.77 -35.73 -51.24
C LYS B 2 -14.70 -34.29 -50.74
N ARG B 3 -15.86 -33.68 -50.41
CA ARG B 3 -15.99 -32.31 -49.90
C ARG B 3 -15.16 -32.09 -48.62
N GLN B 4 -15.15 -33.10 -47.71
CA GLN B 4 -14.42 -33.10 -46.43
C GLN B 4 -12.92 -32.98 -46.67
N ASN B 5 -12.39 -33.78 -47.61
CA ASN B 5 -10.96 -33.83 -47.96
C ASN B 5 -10.49 -32.56 -48.66
N VAL B 6 -11.35 -31.94 -49.50
CA VAL B 6 -11.05 -30.69 -50.19
C VAL B 6 -10.97 -29.55 -49.16
N ARG B 7 -11.96 -29.48 -48.25
CA ARG B 7 -12.05 -28.49 -47.17
C ARG B 7 -10.84 -28.57 -46.23
N THR B 8 -10.42 -29.80 -45.85
CA THR B 8 -9.28 -30.03 -44.96
C THR B 8 -7.98 -29.60 -45.64
N LEU B 9 -7.73 -30.06 -46.90
CA LEU B 9 -6.53 -29.70 -47.67
C LEU B 9 -6.42 -28.18 -47.93
N ALA B 10 -7.57 -27.50 -48.16
CA ALA B 10 -7.62 -26.06 -48.38
C ALA B 10 -7.22 -25.31 -47.10
N LEU B 11 -7.74 -25.76 -45.93
CA LEU B 11 -7.43 -25.17 -44.62
C LEU B 11 -5.95 -25.29 -44.25
N ILE B 12 -5.31 -26.45 -44.59
CA ILE B 12 -3.88 -26.71 -44.35
C ILE B 12 -3.05 -25.71 -45.19
N VAL B 13 -3.38 -25.58 -46.50
CA VAL B 13 -2.72 -24.66 -47.44
C VAL B 13 -2.89 -23.21 -46.93
N CYS B 14 -4.12 -22.87 -46.48
CA CYS B 14 -4.45 -21.54 -45.93
C CYS B 14 -3.62 -21.20 -44.69
N THR B 15 -3.57 -22.13 -43.70
CA THR B 15 -2.83 -21.96 -42.45
C THR B 15 -1.32 -21.79 -42.70
N PHE B 16 -0.72 -22.63 -43.57
CA PHE B 16 0.71 -22.57 -43.90
C PHE B 16 1.08 -21.29 -44.65
N THR B 17 0.22 -20.83 -45.58
CA THR B 17 0.45 -19.58 -46.32
C THR B 17 0.25 -18.37 -45.41
N TYR B 18 -0.68 -18.48 -44.44
CA TYR B 18 -0.98 -17.44 -43.44
C TYR B 18 0.21 -17.30 -42.49
N LEU B 19 0.93 -18.42 -42.25
CA LEU B 19 2.14 -18.46 -41.43
C LEU B 19 3.31 -17.80 -42.18
N LEU B 20 3.44 -18.08 -43.49
CA LEU B 20 4.47 -17.52 -44.37
C LEU B 20 4.29 -16.01 -44.53
N VAL B 21 3.02 -15.56 -44.66
CA VAL B 21 2.66 -14.14 -44.77
C VAL B 21 2.98 -13.42 -43.46
N GLY B 22 2.59 -14.03 -42.33
CA GLY B 22 2.85 -13.52 -40.99
C GLY B 22 4.32 -13.38 -40.69
N ALA B 23 5.11 -14.44 -40.98
CA ALA B 23 6.57 -14.45 -40.80
C ALA B 23 7.25 -13.36 -41.63
N ALA B 24 6.72 -13.07 -42.82
CA ALA B 24 7.22 -12.03 -43.73
C ALA B 24 6.94 -10.63 -43.20
N VAL B 25 5.73 -10.40 -42.63
CA VAL B 25 5.30 -9.12 -42.07
C VAL B 25 6.01 -8.85 -40.73
N PHE B 26 6.03 -9.85 -39.81
CA PHE B 26 6.70 -9.73 -38.51
C PHE B 26 8.21 -9.50 -38.64
N ASP B 27 8.80 -9.92 -39.77
CA ASP B 27 10.22 -9.73 -40.13
C ASP B 27 10.42 -8.23 -40.40
N ALA B 28 9.58 -7.66 -41.29
CA ALA B 28 9.60 -6.26 -41.71
C ALA B 28 9.39 -5.24 -40.57
N LEU B 29 8.52 -5.59 -39.60
CA LEU B 29 8.18 -4.72 -38.47
C LEU B 29 9.09 -4.84 -37.27
N GLU B 30 9.67 -6.04 -37.01
CA GLU B 30 10.45 -6.27 -35.79
C GLU B 30 11.95 -6.58 -35.96
N SER B 31 12.44 -6.98 -37.16
CA SER B 31 13.86 -7.32 -37.36
C SER B 31 14.84 -6.18 -37.05
N GLU B 32 14.67 -5.02 -37.73
CA GLU B 32 15.53 -3.85 -37.55
C GLU B 32 15.46 -3.26 -36.12
N PRO B 33 14.26 -3.04 -35.50
CA PRO B 33 14.24 -2.51 -34.12
C PRO B 33 14.91 -3.40 -33.08
N GLU B 34 14.83 -4.75 -33.24
CA GLU B 34 15.44 -5.74 -32.35
C GLU B 34 16.98 -5.67 -32.44
N LEU B 35 17.51 -5.51 -33.67
CA LEU B 35 18.94 -5.38 -33.96
C LEU B 35 19.47 -4.08 -33.35
N ILE B 36 18.66 -3.01 -33.40
CA ILE B 36 18.94 -1.68 -32.85
C ILE B 36 19.00 -1.76 -31.30
N GLU B 37 18.01 -2.40 -30.66
CA GLU B 37 17.95 -2.54 -29.21
C GLU B 37 19.01 -3.48 -28.65
N ARG B 38 19.40 -4.54 -29.40
CA ARG B 38 20.46 -5.47 -28.97
C ARG B 38 21.81 -4.77 -28.87
N GLN B 39 22.18 -4.00 -29.92
CA GLN B 39 23.44 -3.26 -29.98
C GLN B 39 23.50 -2.16 -28.91
N ARG B 40 22.34 -1.50 -28.64
CA ARG B 40 22.19 -0.45 -27.62
C ARG B 40 22.36 -1.03 -26.21
N LEU B 41 21.78 -2.23 -25.96
CA LEU B 41 21.86 -2.90 -24.66
C LEU B 41 23.24 -3.50 -24.39
N GLU B 42 23.92 -3.97 -25.45
CA GLU B 42 25.26 -4.56 -25.35
C GLU B 42 26.29 -3.49 -24.98
N LEU B 43 26.08 -2.24 -25.43
CA LEU B 43 26.94 -1.12 -25.11
C LEU B 43 26.70 -0.71 -23.64
N ARG B 44 25.42 -0.73 -23.19
CA ARG B 44 25.00 -0.40 -21.83
C ARG B 44 25.53 -1.44 -20.84
N GLN B 45 25.59 -2.72 -21.27
CA GLN B 45 26.11 -3.84 -20.50
C GLN B 45 27.61 -3.64 -20.24
N GLN B 46 28.36 -3.27 -21.30
CA GLN B 46 29.80 -3.01 -21.24
C GLN B 46 30.11 -1.76 -20.41
N GLU B 47 29.25 -0.73 -20.50
CA GLU B 47 29.40 0.53 -19.78
C GLU B 47 29.27 0.33 -18.27
N LEU B 48 28.20 -0.37 -17.83
CA LEU B 48 27.95 -0.62 -16.41
C LEU B 48 28.90 -1.66 -15.80
N ARG B 49 29.45 -2.59 -16.63
CA ARG B 49 30.45 -3.58 -16.20
C ARG B 49 31.75 -2.83 -15.86
N ALA B 50 32.10 -1.81 -16.68
CA ALA B 50 33.29 -0.98 -16.50
C ALA B 50 33.13 -0.02 -15.32
N ARG B 51 31.91 0.50 -15.10
CA ARG B 51 31.57 1.43 -14.02
C ARG B 51 31.75 0.81 -12.64
N TYR B 52 31.25 -0.41 -12.47
CA TYR B 52 31.25 -1.13 -11.19
C TYR B 52 32.30 -2.25 -11.11
N ASN B 53 33.37 -2.14 -11.94
CA ASN B 53 34.52 -3.05 -12.03
C ASN B 53 34.12 -4.55 -11.99
N LEU B 54 33.40 -4.98 -13.03
CA LEU B 54 32.88 -6.34 -13.16
C LEU B 54 33.57 -7.14 -14.25
N SER B 55 33.91 -8.40 -13.94
CA SER B 55 34.52 -9.35 -14.87
C SER B 55 33.44 -10.14 -15.63
N GLN B 56 33.85 -11.10 -16.48
CA GLN B 56 32.94 -11.95 -17.25
C GLN B 56 32.11 -12.83 -16.31
N GLY B 57 32.77 -13.43 -15.32
CA GLY B 57 32.14 -14.27 -14.30
C GLY B 57 31.38 -13.47 -13.27
N GLY B 58 31.90 -12.27 -12.95
CA GLY B 58 31.30 -11.35 -12.00
C GLY B 58 29.91 -10.90 -12.43
N TYR B 59 29.76 -10.57 -13.72
CA TYR B 59 28.49 -10.15 -14.32
C TYR B 59 27.53 -11.34 -14.37
N GLU B 60 28.04 -12.52 -14.79
CA GLU B 60 27.28 -13.77 -14.92
C GLU B 60 26.69 -14.26 -13.58
N GLU B 61 27.42 -14.05 -12.45
CA GLU B 61 26.96 -14.40 -11.11
C GLU B 61 25.79 -13.52 -10.69
N LEU B 62 25.86 -12.21 -11.01
CA LEU B 62 24.81 -11.23 -10.72
C LEU B 62 23.63 -11.39 -11.69
N GLU B 63 23.91 -11.91 -12.90
CA GLU B 63 22.93 -12.18 -13.96
C GLU B 63 21.91 -13.22 -13.51
N ARG B 64 22.39 -14.33 -12.90
CA ARG B 64 21.56 -15.43 -12.40
C ARG B 64 20.62 -15.01 -11.27
N VAL B 65 21.12 -14.15 -10.35
CA VAL B 65 20.37 -13.64 -9.18
C VAL B 65 19.21 -12.72 -9.62
N VAL B 66 19.47 -11.79 -10.57
CA VAL B 66 18.49 -10.84 -11.12
C VAL B 66 17.34 -11.60 -11.82
N LEU B 67 17.68 -12.61 -12.64
CA LEU B 67 16.72 -13.44 -13.37
C LEU B 67 15.84 -14.28 -12.44
N ARG B 68 16.44 -14.89 -11.40
CA ARG B 68 15.73 -15.71 -10.42
C ARG B 68 14.85 -14.90 -9.46
N LEU B 69 15.17 -13.60 -9.25
CA LEU B 69 14.40 -12.69 -8.39
C LEU B 69 13.22 -12.02 -9.11
N LYS B 70 13.17 -12.10 -10.46
CA LYS B 70 12.12 -11.52 -11.30
C LYS B 70 10.69 -11.90 -10.86
N PRO B 71 10.33 -13.20 -10.63
CA PRO B 71 8.95 -13.50 -10.19
C PRO B 71 8.66 -13.03 -8.76
N HIS B 72 9.70 -12.92 -7.91
CA HIS B 72 9.61 -12.46 -6.53
C HIS B 72 9.41 -10.94 -6.45
N LYS B 73 9.93 -10.19 -7.45
CA LYS B 73 9.87 -8.73 -7.55
C LYS B 73 8.44 -8.19 -7.52
N ALA B 74 7.49 -8.91 -8.16
CA ALA B 74 6.07 -8.55 -8.21
C ALA B 74 5.35 -8.76 -6.85
N GLY B 75 5.98 -9.56 -5.97
CA GLY B 75 5.47 -9.87 -4.64
C GLY B 75 5.20 -11.36 -4.45
N VAL B 76 4.36 -11.70 -3.44
CA VAL B 76 3.99 -13.09 -3.14
C VAL B 76 3.00 -13.57 -4.21
N GLN B 77 3.47 -14.50 -5.05
CA GLN B 77 2.72 -15.06 -6.18
C GLN B 77 2.04 -16.39 -5.89
N TRP B 78 2.20 -16.94 -4.66
CA TRP B 78 1.66 -18.27 -4.37
C TRP B 78 0.74 -18.38 -3.15
N ARG B 79 0.23 -17.25 -2.59
CA ARG B 79 -0.75 -17.32 -1.50
C ARG B 79 -2.15 -17.66 -2.09
N PHE B 80 -3.26 -17.44 -1.36
CA PHE B 80 -4.58 -17.77 -1.93
C PHE B 80 -4.90 -17.01 -3.22
N ALA B 81 -4.76 -15.68 -3.22
CA ALA B 81 -5.02 -14.82 -4.38
C ALA B 81 -4.03 -15.09 -5.53
N GLY B 82 -2.76 -15.32 -5.19
CA GLY B 82 -1.70 -15.61 -6.16
C GLY B 82 -1.91 -16.94 -6.87
N SER B 83 -2.32 -17.99 -6.11
CA SER B 83 -2.61 -19.34 -6.61
C SER B 83 -3.93 -19.40 -7.37
N PHE B 84 -4.93 -18.56 -6.96
CA PHE B 84 -6.24 -18.48 -7.63
C PHE B 84 -6.06 -17.86 -9.02
N TYR B 85 -5.22 -16.80 -9.11
CA TYR B 85 -4.88 -16.12 -10.35
C TYR B 85 -4.13 -17.08 -11.28
N PHE B 86 -3.22 -17.91 -10.70
CA PHE B 86 -2.47 -18.93 -11.44
C PHE B 86 -3.41 -20.02 -11.94
N ALA B 87 -4.35 -20.50 -11.08
CA ALA B 87 -5.33 -21.53 -11.40
C ALA B 87 -6.16 -21.10 -12.62
N ILE B 88 -6.50 -19.78 -12.71
CA ILE B 88 -7.25 -19.21 -13.83
C ILE B 88 -6.44 -19.41 -15.12
N THR B 89 -5.19 -18.90 -15.17
CA THR B 89 -4.27 -18.96 -16.32
C THR B 89 -4.04 -20.39 -16.86
N VAL B 90 -4.19 -21.43 -16.01
CA VAL B 90 -4.03 -22.83 -16.40
C VAL B 90 -5.27 -23.35 -17.13
N ILE B 91 -6.42 -23.40 -16.43
CA ILE B 91 -7.68 -23.92 -16.96
C ILE B 91 -8.25 -23.09 -18.12
N THR B 92 -7.94 -21.78 -18.18
CA THR B 92 -8.41 -20.91 -19.28
C THR B 92 -7.40 -20.88 -20.44
N THR B 93 -6.27 -21.63 -20.32
CA THR B 93 -5.15 -21.75 -21.29
C THR B 93 -4.44 -20.41 -21.59
N ILE B 94 -4.61 -19.38 -20.74
CA ILE B 94 -3.94 -18.09 -20.91
C ILE B 94 -2.43 -18.30 -20.66
N GLY B 95 -2.10 -18.79 -19.46
CA GLY B 95 -0.74 -19.10 -19.01
C GLY B 95 0.32 -18.05 -19.28
N TYR B 96 0.23 -16.90 -18.57
CA TYR B 96 1.18 -15.78 -18.71
C TYR B 96 2.63 -16.22 -18.47
N GLY B 97 2.82 -17.07 -17.46
CA GLY B 97 4.13 -17.56 -17.07
C GLY B 97 4.84 -16.65 -16.08
N HIS B 98 4.10 -15.66 -15.52
CA HIS B 98 4.59 -14.71 -14.52
C HIS B 98 4.91 -15.48 -13.24
N ALA B 99 4.06 -16.49 -12.95
CA ALA B 99 4.15 -17.45 -11.85
C ALA B 99 3.97 -18.83 -12.48
N ALA B 100 4.96 -19.70 -12.26
CA ALA B 100 4.99 -21.07 -12.78
C ALA B 100 5.37 -22.03 -11.64
N PRO B 101 4.91 -23.31 -11.66
CA PRO B 101 5.26 -24.22 -10.56
C PRO B 101 6.75 -24.52 -10.46
N SER B 102 7.38 -23.97 -9.41
CA SER B 102 8.81 -24.14 -9.15
C SER B 102 9.17 -25.54 -8.64
N THR B 103 8.20 -26.24 -8.01
CA THR B 103 8.40 -27.59 -7.46
C THR B 103 8.00 -28.67 -8.47
N ASP B 104 8.60 -29.87 -8.34
CA ASP B 104 8.33 -31.04 -9.18
C ASP B 104 6.88 -31.51 -9.02
N GLY B 105 6.40 -31.55 -7.77
CA GLY B 105 5.03 -31.92 -7.43
C GLY B 105 4.00 -30.93 -7.95
N GLY B 106 4.35 -29.64 -7.93
CA GLY B 106 3.53 -28.54 -8.43
C GLY B 106 3.35 -28.62 -9.93
N LYS B 107 4.40 -29.07 -10.64
CA LYS B 107 4.42 -29.27 -12.10
C LYS B 107 3.51 -30.46 -12.47
N VAL B 108 3.53 -31.53 -11.65
CA VAL B 108 2.72 -32.74 -11.83
C VAL B 108 1.24 -32.40 -11.61
N PHE B 109 0.90 -31.78 -10.46
CA PHE B 109 -0.46 -31.37 -10.14
C PHE B 109 -1.03 -30.43 -11.20
N CYS B 110 -0.20 -29.51 -11.74
CA CYS B 110 -0.60 -28.58 -12.81
C CYS B 110 -1.04 -29.35 -14.05
N MET B 111 -0.32 -30.44 -14.40
CA MET B 111 -0.65 -31.28 -15.55
C MET B 111 -2.00 -32.00 -15.36
N PHE B 112 -2.21 -32.64 -14.19
CA PHE B 112 -3.46 -33.33 -13.84
C PHE B 112 -4.63 -32.34 -13.75
N TYR B 113 -4.37 -31.15 -13.18
CA TYR B 113 -5.31 -30.04 -13.00
C TYR B 113 -5.78 -29.51 -14.37
N ALA B 114 -4.84 -29.39 -15.34
CA ALA B 114 -5.10 -28.92 -16.69
C ALA B 114 -5.85 -29.95 -17.53
N LEU B 115 -5.52 -31.25 -17.37
CA LEU B 115 -6.13 -32.39 -18.08
C LEU B 115 -7.65 -32.44 -17.93
N LEU B 116 -8.17 -32.16 -16.72
CA LEU B 116 -9.59 -32.16 -16.42
C LEU B 116 -10.18 -30.74 -16.46
N GLY B 117 -9.39 -29.76 -16.04
CA GLY B 117 -9.77 -28.35 -15.97
C GLY B 117 -10.07 -27.67 -17.28
N ILE B 118 -9.10 -27.67 -18.22
CA ILE B 118 -9.23 -27.06 -19.56
C ILE B 118 -10.54 -27.51 -20.26
N PRO B 119 -10.89 -28.82 -20.39
CA PRO B 119 -12.17 -29.18 -21.03
C PRO B 119 -13.39 -28.65 -20.26
N LEU B 120 -13.36 -28.70 -18.90
CA LEU B 120 -14.42 -28.21 -18.03
C LEU B 120 -14.68 -26.72 -18.25
N THR B 121 -13.61 -25.89 -18.28
CA THR B 121 -13.67 -24.44 -18.47
C THR B 121 -14.13 -24.07 -19.88
N LEU B 122 -13.63 -24.80 -20.91
CA LEU B 122 -13.99 -24.62 -22.32
C LEU B 122 -15.50 -24.87 -22.54
N VAL B 123 -16.01 -26.00 -22.01
CA VAL B 123 -17.42 -26.40 -22.08
C VAL B 123 -18.29 -25.37 -21.32
N MET B 124 -17.80 -24.86 -20.16
CA MET B 124 -18.46 -23.85 -19.32
C MET B 124 -18.64 -22.54 -20.10
N PHE B 125 -17.59 -22.06 -20.79
CA PHE B 125 -17.63 -20.83 -21.57
C PHE B 125 -18.53 -20.92 -22.80
N GLN B 126 -18.58 -22.11 -23.43
CA GLN B 126 -19.45 -22.32 -24.60
C GLN B 126 -20.91 -22.46 -24.17
N SER B 127 -21.15 -23.05 -22.97
CA SER B 127 -22.49 -23.22 -22.41
C SER B 127 -23.06 -21.87 -21.94
N LEU B 128 -22.29 -21.11 -21.13
CA LEU B 128 -22.68 -19.79 -20.62
C LEU B 128 -22.75 -18.77 -21.76
N GLY B 129 -21.87 -18.94 -22.76
CA GLY B 129 -21.82 -18.09 -23.95
C GLY B 129 -23.08 -18.23 -24.79
N GLU B 130 -23.60 -19.48 -24.89
CA GLU B 130 -24.82 -19.82 -25.61
C GLU B 130 -26.02 -19.18 -24.91
N ARG B 131 -26.05 -19.20 -23.55
CA ARG B 131 -27.12 -18.63 -22.74
C ARG B 131 -27.20 -17.11 -22.92
N ILE B 132 -26.03 -16.45 -23.09
CA ILE B 132 -25.92 -15.01 -23.34
C ILE B 132 -26.47 -14.69 -24.74
N ASN B 133 -26.09 -15.48 -25.76
CA ASN B 133 -26.57 -15.35 -27.15
C ASN B 133 -28.09 -15.52 -27.21
N THR B 134 -28.63 -16.55 -26.49
CA THR B 134 -30.07 -16.84 -26.40
C THR B 134 -30.81 -15.70 -25.70
N LEU B 135 -30.20 -15.08 -24.66
CA LEU B 135 -30.78 -13.95 -23.93
C LEU B 135 -30.79 -12.71 -24.83
N VAL B 136 -29.68 -12.48 -25.57
CA VAL B 136 -29.54 -11.36 -26.53
C VAL B 136 -30.56 -11.53 -27.66
N ARG B 137 -30.73 -12.76 -28.17
CA ARG B 137 -31.71 -13.13 -29.21
C ARG B 137 -33.13 -12.85 -28.73
N TYR B 138 -33.43 -13.17 -27.44
CA TYR B 138 -34.74 -12.93 -26.83
C TYR B 138 -35.00 -11.44 -26.60
N LEU B 139 -34.01 -10.72 -26.03
CA LEU B 139 -34.11 -9.28 -25.74
C LEU B 139 -34.31 -8.44 -27.00
N LEU B 140 -33.62 -8.82 -28.10
CA LEU B 140 -33.73 -8.14 -29.40
C LEU B 140 -35.10 -8.42 -30.03
N HIS B 141 -35.60 -9.67 -29.91
CA HIS B 141 -36.92 -10.09 -30.42
C HIS B 141 -38.05 -9.33 -29.70
N ARG B 142 -37.91 -9.16 -28.37
CA ARG B 142 -38.87 -8.41 -27.55
C ARG B 142 -38.81 -6.90 -27.87
N ALA B 143 -37.59 -6.38 -28.14
CA ALA B 143 -37.35 -4.98 -28.50
C ALA B 143 -37.92 -4.67 -29.89
N LYS B 144 -37.78 -5.62 -30.84
CA LYS B 144 -38.29 -5.50 -32.22
C LYS B 144 -39.81 -5.42 -32.23
N LYS B 145 -40.50 -6.28 -31.45
CA LYS B 145 -41.97 -6.27 -31.32
C LYS B 145 -42.44 -5.07 -30.51
N GLY B 146 -41.58 -4.59 -29.59
CA GLY B 146 -41.83 -3.44 -28.72
C GLY B 146 -42.02 -2.16 -29.49
N LEU B 147 -41.12 -1.89 -30.45
CA LEU B 147 -41.17 -0.70 -31.31
C LEU B 147 -42.21 -0.82 -32.44
N GLY B 148 -42.55 -2.06 -32.81
CA GLY B 148 -43.53 -2.35 -33.85
C GLY B 148 -42.92 -2.93 -35.10
N ALA B 152 -39.76 -8.79 -36.39
CA ALA B 152 -39.60 -9.46 -35.11
C ALA B 152 -38.51 -10.55 -35.16
N ASP B 153 -38.32 -11.19 -36.33
CA ASP B 153 -37.34 -12.26 -36.52
C ASP B 153 -35.90 -11.77 -36.38
N VAL B 154 -35.13 -12.41 -35.49
CA VAL B 154 -33.73 -12.10 -35.22
C VAL B 154 -32.87 -12.93 -36.19
N SER B 155 -32.07 -12.25 -37.02
CA SER B 155 -31.21 -12.88 -38.01
C SER B 155 -29.80 -13.11 -37.46
N MET B 156 -28.99 -13.88 -38.21
CA MET B 156 -27.60 -14.19 -37.89
C MET B 156 -26.76 -12.90 -37.97
N ALA B 157 -27.02 -12.06 -38.99
CA ALA B 157 -26.34 -10.78 -39.22
C ALA B 157 -26.51 -9.80 -38.06
N ASN B 158 -27.70 -9.79 -37.42
CA ASN B 158 -28.00 -8.95 -36.26
C ASN B 158 -27.20 -9.45 -35.05
N MET B 159 -27.06 -10.79 -34.93
CA MET B 159 -26.34 -11.46 -33.85
C MET B 159 -24.83 -11.26 -33.95
N VAL B 160 -24.28 -11.27 -35.18
CA VAL B 160 -22.86 -11.05 -35.43
C VAL B 160 -22.51 -9.58 -35.11
N LEU B 161 -23.40 -8.64 -35.45
CA LEU B 161 -23.25 -7.21 -35.18
C LEU B 161 -23.19 -6.92 -33.67
N ILE B 162 -24.18 -7.42 -32.90
CA ILE B 162 -24.26 -7.25 -31.43
C ILE B 162 -23.06 -7.96 -30.78
N GLY B 163 -22.73 -9.15 -31.26
CA GLY B 163 -21.60 -9.95 -30.78
C GLY B 163 -20.27 -9.25 -30.95
N PHE B 164 -20.02 -8.72 -32.17
CA PHE B 164 -18.78 -8.00 -32.51
C PHE B 164 -18.62 -6.73 -31.68
N PHE B 165 -19.74 -6.00 -31.44
CA PHE B 165 -19.77 -4.78 -30.61
C PHE B 165 -19.56 -5.11 -29.15
N SER B 166 -20.07 -6.29 -28.69
CA SER B 166 -19.93 -6.77 -27.32
C SER B 166 -18.47 -7.07 -27.01
N CYS B 167 -17.70 -7.53 -28.02
CA CYS B 167 -16.28 -7.84 -27.91
C CYS B 167 -15.44 -6.57 -27.76
N ILE B 168 -15.71 -5.54 -28.59
CA ILE B 168 -15.02 -4.23 -28.56
C ILE B 168 -15.30 -3.52 -27.24
N SER B 169 -16.57 -3.52 -26.78
CA SER B 169 -16.99 -2.91 -25.52
C SER B 169 -16.27 -3.52 -24.33
N THR B 170 -16.07 -4.86 -24.33
CA THR B 170 -15.36 -5.59 -23.28
C THR B 170 -13.88 -5.14 -23.24
N LEU B 171 -13.23 -5.04 -24.41
CA LEU B 171 -11.83 -4.59 -24.52
C LEU B 171 -11.70 -3.10 -24.14
N CYS B 172 -12.70 -2.27 -24.49
CA CYS B 172 -12.75 -0.82 -24.19
C CYS B 172 -12.95 -0.53 -22.71
N ILE B 173 -13.83 -1.31 -22.03
CA ILE B 173 -14.10 -1.22 -20.59
C ILE B 173 -12.84 -1.67 -19.83
N GLY B 174 -12.24 -2.76 -20.34
CA GLY B 174 -11.02 -3.35 -19.79
C GLY B 174 -9.85 -2.40 -19.87
N ALA B 175 -9.54 -1.90 -21.09
CA ALA B 175 -8.44 -0.96 -21.35
C ALA B 175 -8.55 0.27 -20.46
N ALA B 176 -9.79 0.80 -20.29
CA ALA B 176 -10.11 1.95 -19.44
C ALA B 176 -9.68 1.70 -18.00
N ALA B 177 -9.93 0.48 -17.50
CA ALA B 177 -9.58 0.10 -16.13
C ALA B 177 -8.11 -0.24 -15.97
N PHE B 178 -7.55 -1.12 -16.85
CA PHE B 178 -6.15 -1.55 -16.78
C PHE B 178 -5.15 -0.41 -17.06
N SER B 179 -5.53 0.62 -17.82
CA SER B 179 -4.64 1.77 -18.04
C SER B 179 -4.63 2.68 -16.80
N HIS B 180 -5.70 2.60 -15.99
CA HIS B 180 -5.86 3.38 -14.76
C HIS B 180 -5.12 2.74 -13.59
N TYR B 181 -5.38 1.45 -13.31
CA TYR B 181 -4.78 0.73 -12.18
C TYR B 181 -3.35 0.26 -12.45
N GLU B 182 -3.10 -0.35 -13.63
CA GLU B 182 -1.75 -0.84 -13.98
C GLU B 182 -0.86 0.23 -14.62
N HIS B 183 -1.32 1.50 -14.64
CA HIS B 183 -0.63 2.71 -15.13
C HIS B 183 0.01 2.55 -16.53
N TRP B 184 -0.70 1.85 -17.44
CA TRP B 184 -0.28 1.66 -18.84
C TRP B 184 -1.04 2.69 -19.67
N THR B 185 -0.78 2.73 -21.00
CA THR B 185 -1.52 3.61 -21.91
C THR B 185 -2.79 2.85 -22.30
N PHE B 186 -3.80 3.52 -22.89
CA PHE B 186 -5.03 2.85 -23.30
C PHE B 186 -4.74 1.72 -24.29
N PHE B 187 -3.82 1.98 -25.26
CA PHE B 187 -3.40 1.01 -26.27
C PHE B 187 -2.72 -0.22 -25.64
N GLN B 188 -1.79 -0.01 -24.68
CA GLN B 188 -1.07 -1.09 -23.97
C GLN B 188 -2.04 -1.99 -23.20
N ALA B 189 -3.01 -1.37 -22.52
CA ALA B 189 -4.04 -2.07 -21.75
C ALA B 189 -5.03 -2.78 -22.69
N TYR B 190 -5.29 -2.19 -23.89
CA TYR B 190 -6.18 -2.77 -24.91
C TYR B 190 -5.50 -4.01 -25.51
N TYR B 191 -4.17 -3.91 -25.75
CA TYR B 191 -3.33 -4.99 -26.26
C TYR B 191 -3.29 -6.12 -25.24
N TYR B 192 -3.17 -5.78 -23.93
CA TYR B 192 -3.18 -6.75 -22.82
C TYR B 192 -4.50 -7.51 -22.80
N CYS B 193 -5.63 -6.78 -22.89
CA CYS B 193 -6.98 -7.34 -22.90
C CYS B 193 -7.19 -8.26 -24.08
N PHE B 194 -6.68 -7.88 -25.27
CA PHE B 194 -6.79 -8.70 -26.48
C PHE B 194 -6.06 -10.02 -26.29
N ILE B 195 -4.76 -9.96 -25.93
CA ILE B 195 -3.88 -11.11 -25.71
C ILE B 195 -4.41 -12.02 -24.57
N THR B 196 -5.07 -11.43 -23.55
CA THR B 196 -5.67 -12.18 -22.43
C THR B 196 -6.91 -12.96 -22.88
N LEU B 197 -7.92 -12.24 -23.44
CA LEU B 197 -9.20 -12.81 -23.86
C LEU B 197 -9.13 -13.71 -25.10
N THR B 198 -7.97 -13.72 -25.82
CA THR B 198 -7.75 -14.63 -26.97
C THR B 198 -6.95 -15.87 -26.50
N THR B 199 -6.67 -15.93 -25.18
CA THR B 199 -5.93 -16.98 -24.45
C THR B 199 -4.47 -17.15 -24.93
N ILE B 200 -3.91 -16.13 -25.62
CA ILE B 200 -2.53 -16.13 -26.09
C ILE B 200 -1.62 -16.00 -24.85
N GLY B 201 -1.89 -14.98 -24.03
CA GLY B 201 -1.20 -14.66 -22.78
C GLY B 201 0.31 -14.75 -22.84
N PHE B 202 0.95 -13.80 -23.55
CA PHE B 202 2.41 -13.73 -23.70
C PHE B 202 3.12 -13.62 -22.35
N GLY B 203 2.67 -12.68 -21.53
CA GLY B 203 3.25 -12.43 -20.21
C GLY B 203 4.03 -11.13 -20.16
N ASP B 204 4.10 -10.41 -21.30
CA ASP B 204 4.77 -9.10 -21.44
C ASP B 204 3.99 -8.03 -20.66
N TYR B 205 2.68 -8.23 -20.53
CA TYR B 205 1.73 -7.41 -19.78
C TYR B 205 0.90 -8.36 -18.93
N VAL B 206 1.01 -8.23 -17.59
CA VAL B 206 0.28 -9.04 -16.61
C VAL B 206 -0.27 -8.12 -15.51
N ALA B 207 -1.59 -8.19 -15.27
CA ALA B 207 -2.25 -7.40 -14.23
C ALA B 207 -1.95 -7.99 -12.85
N LEU B 208 -2.16 -7.19 -11.78
CA LEU B 208 -1.96 -7.55 -10.36
C LEU B 208 -0.47 -7.79 -10.00
N GLN B 209 0.47 -7.39 -10.87
CA GLN B 209 1.91 -7.57 -10.66
C GLN B 209 2.62 -6.28 -10.24
N LYS B 210 1.83 -5.22 -10.01
CA LYS B 210 2.26 -3.89 -9.59
C LYS B 210 1.81 -3.57 -8.16
N ASP B 211 2.74 -3.01 -7.34
CA ASP B 211 2.56 -2.57 -5.95
C ASP B 211 1.87 -3.60 -5.03
N GLN B 212 2.24 -4.90 -5.17
CA GLN B 212 1.73 -6.03 -4.38
C GLN B 212 0.19 -6.10 -4.39
N ALA B 213 -0.43 -5.82 -5.56
CA ALA B 213 -1.88 -5.80 -5.76
C ALA B 213 -2.58 -7.07 -5.29
N LEU B 214 -1.94 -8.24 -5.49
CA LEU B 214 -2.47 -9.56 -5.09
C LEU B 214 -2.73 -9.69 -3.59
N GLN B 215 -1.93 -9.00 -2.76
CA GLN B 215 -2.06 -9.07 -1.30
C GLN B 215 -2.61 -7.79 -0.65
N THR B 216 -2.32 -6.62 -1.24
CA THR B 216 -2.73 -5.32 -0.68
C THR B 216 -4.04 -4.73 -1.24
N GLN B 217 -4.38 -5.03 -2.52
CA GLN B 217 -5.58 -4.50 -3.17
C GLN B 217 -6.62 -5.61 -3.49
N PRO B 218 -7.48 -6.02 -2.51
CA PRO B 218 -8.45 -7.09 -2.79
C PRO B 218 -9.58 -6.71 -3.74
N GLN B 219 -10.02 -5.43 -3.69
CA GLN B 219 -11.10 -4.90 -4.54
C GLN B 219 -10.73 -4.96 -6.03
N TYR B 220 -9.48 -4.61 -6.38
CA TYR B 220 -8.96 -4.65 -7.75
C TYR B 220 -8.72 -6.10 -8.22
N VAL B 221 -8.31 -6.99 -7.27
CA VAL B 221 -8.09 -8.43 -7.54
C VAL B 221 -9.44 -9.07 -7.93
N ALA B 222 -10.51 -8.77 -7.16
CA ALA B 222 -11.87 -9.25 -7.39
C ALA B 222 -12.37 -8.83 -8.77
N PHE B 223 -12.08 -7.58 -9.19
CA PHE B 223 -12.46 -7.04 -10.50
C PHE B 223 -11.72 -7.77 -11.63
N SER B 224 -10.39 -7.96 -11.48
CA SER B 224 -9.52 -8.61 -12.46
C SER B 224 -9.96 -10.04 -12.75
N PHE B 225 -10.37 -10.79 -11.72
CA PHE B 225 -10.85 -12.17 -11.83
C PHE B 225 -12.22 -12.18 -12.53
N VAL B 226 -13.09 -11.22 -12.18
CA VAL B 226 -14.43 -11.08 -12.75
C VAL B 226 -14.33 -10.68 -14.23
N TYR B 227 -13.44 -9.72 -14.58
CA TYR B 227 -13.23 -9.26 -15.96
C TYR B 227 -12.69 -10.35 -16.87
N ILE B 228 -11.68 -11.11 -16.41
CA ILE B 228 -11.08 -12.21 -17.19
C ILE B 228 -12.14 -13.27 -17.47
N LEU B 229 -12.91 -13.66 -16.45
CA LEU B 229 -13.95 -14.68 -16.56
C LEU B 229 -15.16 -14.21 -17.41
N THR B 230 -15.68 -12.99 -17.18
CA THR B 230 -16.81 -12.46 -17.98
C THR B 230 -16.39 -12.14 -19.41
N GLY B 231 -15.16 -11.64 -19.58
CA GLY B 231 -14.59 -11.30 -20.88
C GLY B 231 -14.42 -12.49 -21.79
N LEU B 232 -13.96 -13.63 -21.22
CA LEU B 232 -13.77 -14.88 -21.95
C LEU B 232 -15.13 -15.47 -22.38
N THR B 233 -16.20 -15.14 -21.63
CA THR B 233 -17.56 -15.58 -21.92
C THR B 233 -18.09 -14.80 -23.13
N VAL B 234 -17.80 -13.47 -23.20
CA VAL B 234 -18.20 -12.59 -24.29
C VAL B 234 -17.54 -13.05 -25.61
N ILE B 235 -16.22 -13.34 -25.57
CA ILE B 235 -15.46 -13.85 -26.72
C ILE B 235 -15.92 -15.28 -27.07
N GLY B 236 -16.08 -16.11 -26.04
CA GLY B 236 -16.55 -17.49 -26.16
C GLY B 236 -17.94 -17.60 -26.76
N ALA B 237 -18.79 -16.57 -26.53
CA ALA B 237 -20.16 -16.51 -27.07
C ALA B 237 -20.10 -16.26 -28.57
N PHE B 238 -19.20 -15.36 -29.01
CA PHE B 238 -18.99 -15.00 -30.42
C PHE B 238 -18.42 -16.18 -31.20
N LEU B 239 -17.56 -16.99 -30.55
CA LEU B 239 -16.97 -18.20 -31.12
C LEU B 239 -18.06 -19.27 -31.30
N ASN B 240 -18.95 -19.43 -30.30
CA ASN B 240 -20.07 -20.37 -30.29
C ASN B 240 -21.06 -20.05 -31.42
N LEU B 241 -21.17 -18.75 -31.76
CA LEU B 241 -22.05 -18.21 -32.79
C LEU B 241 -21.44 -18.32 -34.20
N VAL B 242 -20.17 -17.91 -34.38
CA VAL B 242 -19.51 -17.84 -35.68
C VAL B 242 -18.51 -18.98 -35.98
N VAL B 243 -17.52 -19.22 -35.10
CA VAL B 243 -16.42 -20.17 -35.33
C VAL B 243 -16.82 -21.67 -35.16
N LEU B 244 -17.46 -22.03 -34.04
CA LEU B 244 -17.84 -23.41 -33.66
C LEU B 244 -18.64 -24.19 -34.74
N ARG B 245 -19.48 -23.51 -35.55
CA ARG B 245 -20.28 -24.16 -36.60
C ARG B 245 -19.44 -24.79 -37.74
N PHE B 246 -18.20 -24.29 -37.96
CA PHE B 246 -17.28 -24.77 -38.99
C PHE B 246 -16.43 -25.98 -38.55
N MET B 247 -16.44 -26.30 -37.25
CA MET B 247 -15.69 -27.41 -36.67
C MET B 247 -16.40 -28.76 -36.81
N THR B 248 -17.74 -28.73 -36.74
CA THR B 248 -18.62 -29.91 -36.87
C THR B 248 -18.97 -30.19 -38.34
N MET B 249 -18.53 -29.30 -39.26
CA MET B 249 -18.75 -29.34 -40.72
C MET B 249 -18.34 -30.65 -41.39
N ASN B 250 -17.16 -31.20 -41.01
CA ASN B 250 -16.63 -32.45 -41.55
C ASN B 250 -17.46 -33.67 -41.12
N ALA B 251 -17.95 -33.65 -39.86
CA ALA B 251 -18.79 -34.70 -39.27
C ALA B 251 -20.17 -34.73 -39.92
N GLU B 252 -20.71 -33.53 -40.28
CA GLU B 252 -22.01 -33.38 -40.93
C GLU B 252 -21.99 -33.94 -42.35
N ASP B 253 -20.90 -33.67 -43.10
CA ASP B 253 -20.71 -34.15 -44.47
C ASP B 253 -20.49 -35.68 -44.50
N GLU B 254 -19.83 -36.22 -43.46
CA GLU B 254 -19.58 -37.66 -43.30
C GLU B 254 -20.91 -38.39 -43.02
N LYS B 255 -21.81 -37.73 -42.25
CA LYS B 255 -23.15 -38.24 -41.94
C LYS B 255 -24.03 -38.18 -43.20
N ARG B 256 -23.86 -37.10 -44.01
CA ARG B 256 -24.56 -36.87 -45.27
C ARG B 256 -24.18 -37.93 -46.32
N ASP B 257 -22.90 -38.38 -46.29
CA ASP B 257 -22.37 -39.41 -47.18
C ASP B 257 -23.00 -40.77 -46.89
N ALA B 258 -23.13 -41.12 -45.60
CA ALA B 258 -23.71 -42.38 -45.13
C ALA B 258 -25.22 -42.47 -45.37
N GLU B 259 -25.94 -41.34 -45.18
CA GLU B 259 -27.39 -41.22 -45.35
C GLU B 259 -27.84 -41.48 -46.80
N ASN B 260 -27.21 -40.79 -47.77
CA ASN B 260 -27.51 -40.92 -49.21
C ASN B 260 -27.12 -42.29 -49.78
N LEU B 261 -25.97 -42.85 -49.33
CA LEU B 261 -25.47 -44.15 -49.78
C LEU B 261 -26.07 -45.28 -48.95
N MET C 1 -29.74 11.59 40.53
CA MET C 1 -28.30 11.45 40.31
C MET C 1 -27.52 12.55 41.07
N LYS C 2 -26.35 12.18 41.62
CA LYS C 2 -25.45 13.08 42.37
C LYS C 2 -24.92 14.20 41.49
N ARG C 3 -24.64 15.38 42.09
CA ARG C 3 -24.11 16.57 41.41
C ARG C 3 -22.80 16.29 40.66
N GLN C 4 -21.90 15.50 41.29
CA GLN C 4 -20.59 15.09 40.75
C GLN C 4 -20.75 14.29 39.46
N ASN C 5 -21.67 13.30 39.47
CA ASN C 5 -21.95 12.42 38.34
C ASN C 5 -22.61 13.14 37.17
N VAL C 6 -23.47 14.13 37.46
CA VAL C 6 -24.15 14.95 36.44
C VAL C 6 -23.09 15.84 35.75
N ARG C 7 -22.22 16.50 36.55
CA ARG C 7 -21.14 17.38 36.09
C ARG C 7 -20.15 16.62 35.19
N THR C 8 -19.77 15.38 35.59
CA THR C 8 -18.84 14.54 34.84
C THR C 8 -19.45 14.10 33.50
N LEU C 9 -20.69 13.56 33.53
CA LEU C 9 -21.39 13.11 32.31
C LEU C 9 -21.64 14.26 31.31
N ALA C 10 -21.93 15.48 31.83
CA ALA C 10 -22.14 16.68 31.00
C ALA C 10 -20.85 17.08 30.30
N LEU C 11 -19.70 17.06 31.02
CA LEU C 11 -18.37 17.38 30.50
C LEU C 11 -17.93 16.42 29.39
N ILE C 12 -18.23 15.11 29.54
CA ILE C 12 -17.92 14.06 28.56
C ILE C 12 -18.70 14.33 27.26
N VAL C 13 -20.02 14.58 27.39
CA VAL C 13 -20.91 14.91 26.27
C VAL C 13 -20.43 16.19 25.57
N CYS C 14 -20.04 17.22 26.36
CA CYS C 14 -19.53 18.50 25.87
C CYS C 14 -18.25 18.33 25.07
N THR C 15 -17.25 17.60 25.61
CA THR C 15 -15.95 17.33 24.98
C THR C 15 -16.11 16.57 23.66
N PHE C 16 -16.94 15.50 23.64
CA PHE C 16 -17.18 14.69 22.44
C PHE C 16 -17.92 15.46 21.35
N THR C 17 -18.91 16.29 21.72
CA THR C 17 -19.64 17.13 20.75
C THR C 17 -18.75 18.26 20.23
N TYR C 18 -17.83 18.77 21.08
CA TYR C 18 -16.86 19.81 20.75
C TYR C 18 -15.84 19.27 19.74
N LEU C 19 -15.54 17.96 19.85
CA LEU C 19 -14.65 17.24 18.94
C LEU C 19 -15.33 17.03 17.58
N LEU C 20 -16.64 16.67 17.59
CA LEU C 20 -17.45 16.45 16.38
C LEU C 20 -17.65 17.76 15.62
N VAL C 21 -17.86 18.88 16.36
CA VAL C 21 -18.02 20.22 15.79
C VAL C 21 -16.69 20.66 15.15
N GLY C 22 -15.59 20.47 15.89
CA GLY C 22 -14.24 20.78 15.43
C GLY C 22 -13.84 20.04 14.18
N ALA C 23 -14.07 18.70 14.17
CA ALA C 23 -13.79 17.83 13.04
C ALA C 23 -14.58 18.24 11.79
N ALA C 24 -15.82 18.74 11.99
CA ALA C 24 -16.70 19.21 10.92
C ALA C 24 -16.19 20.53 10.33
N VAL C 25 -15.72 21.47 11.19
CA VAL C 25 -15.20 22.78 10.78
C VAL C 25 -13.83 22.64 10.11
N PHE C 26 -12.90 21.89 10.74
CA PHE C 26 -11.55 21.67 10.20
C PHE C 26 -11.58 20.92 8.86
N ASP C 27 -12.65 20.16 8.58
CA ASP C 27 -12.86 19.46 7.31
C ASP C 27 -13.16 20.53 6.25
N ALA C 28 -14.15 21.41 6.51
CA ALA C 28 -14.60 22.49 5.63
C ALA C 28 -13.50 23.48 5.25
N LEU C 29 -12.59 23.79 6.19
CA LEU C 29 -11.51 24.75 5.99
C LEU C 29 -10.22 24.17 5.40
N GLU C 30 -9.90 22.89 5.69
CA GLU C 30 -8.63 22.30 5.29
C GLU C 30 -8.67 21.14 4.27
N SER C 31 -9.83 20.46 4.06
CA SER C 31 -9.91 19.33 3.11
C SER C 31 -9.57 19.71 1.65
N GLU C 32 -10.30 20.71 1.09
CA GLU C 32 -10.09 21.19 -0.28
C GLU C 32 -8.68 21.79 -0.49
N PRO C 33 -8.14 22.70 0.37
CA PRO C 33 -6.78 23.23 0.12
C PRO C 33 -5.68 22.18 0.16
N GLU C 34 -5.81 21.12 1.00
CA GLU C 34 -4.84 20.01 1.11
C GLU C 34 -4.82 19.20 -0.19
N LEU C 35 -6.01 18.97 -0.78
CA LEU C 35 -6.19 18.25 -2.04
C LEU C 35 -5.58 19.07 -3.20
N ILE C 36 -5.72 20.41 -3.14
CA ILE C 36 -5.19 21.33 -4.15
C ILE C 36 -3.65 21.43 -4.02
N GLU C 37 -3.13 21.47 -2.76
CA GLU C 37 -1.69 21.53 -2.48
C GLU C 37 -0.99 20.22 -2.90
N ARG C 38 -1.62 19.05 -2.67
CA ARG C 38 -1.08 17.73 -3.02
C ARG C 38 -0.89 17.61 -4.53
N GLN C 39 -1.93 17.94 -5.31
CA GLN C 39 -1.91 17.88 -6.78
C GLN C 39 -0.89 18.85 -7.38
N ARG C 40 -0.75 20.06 -6.76
CA ARG C 40 0.20 21.10 -7.17
C ARG C 40 1.65 20.66 -6.91
N LEU C 41 1.90 20.00 -5.76
CA LEU C 41 3.23 19.50 -5.38
C LEU C 41 3.66 18.26 -6.18
N GLU C 42 2.68 17.40 -6.55
CA GLU C 42 2.92 16.20 -7.36
C GLU C 42 3.32 16.61 -8.78
N LEU C 43 2.88 17.81 -9.21
CA LEU C 43 3.23 18.44 -10.49
C LEU C 43 4.66 18.98 -10.43
N ARG C 44 5.04 19.62 -9.31
CA ARG C 44 6.37 20.17 -9.06
C ARG C 44 7.39 19.04 -8.91
N GLN C 45 6.94 17.86 -8.44
CA GLN C 45 7.77 16.66 -8.26
C GLN C 45 8.12 16.06 -9.63
N GLN C 46 7.10 15.92 -10.51
CA GLN C 46 7.25 15.38 -11.86
C GLN C 46 8.06 16.31 -12.77
N GLU C 47 7.90 17.64 -12.60
CA GLU C 47 8.61 18.67 -13.37
C GLU C 47 10.11 18.68 -13.07
N LEU C 48 10.49 18.62 -11.78
CA LEU C 48 11.88 18.62 -11.34
C LEU C 48 12.57 17.27 -11.58
N ARG C 49 11.79 16.16 -11.60
CA ARG C 49 12.30 14.81 -11.89
C ARG C 49 12.70 14.71 -13.37
N ALA C 50 11.94 15.40 -14.24
CA ALA C 50 12.20 15.45 -15.68
C ALA C 50 13.35 16.41 -16.02
N ARG C 51 13.47 17.52 -15.27
CA ARG C 51 14.50 18.56 -15.44
C ARG C 51 15.91 18.08 -15.09
N TYR C 52 16.04 17.24 -14.05
CA TYR C 52 17.32 16.72 -13.56
C TYR C 52 17.51 15.21 -13.84
N ASN C 53 16.76 14.67 -14.83
CA ASN C 53 16.78 13.27 -15.30
C ASN C 53 16.82 12.25 -14.15
N LEU C 54 15.74 12.22 -13.35
CA LEU C 54 15.62 11.35 -12.19
C LEU C 54 14.60 10.24 -12.38
N SER C 55 14.96 9.02 -11.95
CA SER C 55 14.11 7.83 -12.01
C SER C 55 13.29 7.70 -10.72
N GLN C 56 12.46 6.64 -10.61
CA GLN C 56 11.63 6.36 -9.43
C GLN C 56 12.52 6.11 -8.19
N GLY C 57 13.55 5.29 -8.36
CA GLY C 57 14.52 4.98 -7.33
C GLY C 57 15.48 6.12 -7.06
N GLY C 58 15.84 6.86 -8.12
CA GLY C 58 16.74 8.00 -8.07
C GLY C 58 16.22 9.12 -7.20
N TYR C 59 14.90 9.41 -7.29
CA TYR C 59 14.23 10.42 -6.49
C TYR C 59 14.09 9.93 -5.04
N GLU C 60 13.70 8.64 -4.86
CA GLU C 60 13.52 7.98 -3.55
C GLU C 60 14.79 7.95 -2.71
N GLU C 61 15.96 7.77 -3.35
CA GLU C 61 17.27 7.75 -2.68
C GLU C 61 17.59 9.15 -2.13
N LEU C 62 17.30 10.19 -2.92
CA LEU C 62 17.51 11.59 -2.54
C LEU C 62 16.46 12.05 -1.54
N GLU C 63 15.26 11.43 -1.57
CA GLU C 63 14.12 11.71 -0.69
C GLU C 63 14.48 11.39 0.76
N ARG C 64 15.10 10.21 1.00
CA ARG C 64 15.51 9.74 2.34
C ARG C 64 16.57 10.64 2.98
N VAL C 65 17.54 11.11 2.18
CA VAL C 65 18.66 11.96 2.61
C VAL C 65 18.16 13.36 3.03
N VAL C 66 17.26 13.97 2.23
CA VAL C 66 16.66 15.29 2.49
C VAL C 66 15.86 15.27 3.80
N LEU C 67 15.04 14.22 4.02
CA LEU C 67 14.21 14.05 5.22
C LEU C 67 15.06 13.86 6.48
N ARG C 68 16.12 13.03 6.40
CA ARG C 68 17.02 12.74 7.52
C ARG C 68 17.95 13.93 7.88
N LEU C 69 18.21 14.83 6.90
CA LEU C 69 19.04 16.02 7.10
C LEU C 69 18.27 17.22 7.63
N LYS C 70 16.90 17.16 7.63
CA LYS C 70 16.01 18.22 8.10
C LYS C 70 16.34 18.73 9.52
N PRO C 71 16.53 17.89 10.58
CA PRO C 71 16.89 18.45 11.90
C PRO C 71 18.31 19.01 11.96
N HIS C 72 19.19 18.53 11.07
CA HIS C 72 20.59 18.98 10.97
C HIS C 72 20.71 20.32 10.23
N LYS C 73 19.75 20.62 9.32
CA LYS C 73 19.66 21.85 8.52
C LYS C 73 19.61 23.12 9.38
N ALA C 74 18.89 23.05 10.52
CA ALA C 74 18.74 24.14 11.50
C ALA C 74 20.03 24.42 12.28
N GLY C 75 20.94 23.44 12.28
CA GLY C 75 22.23 23.51 12.96
C GLY C 75 22.39 22.44 14.02
N VAL C 76 23.35 22.64 14.94
CA VAL C 76 23.62 21.70 16.05
C VAL C 76 22.50 21.83 17.09
N GLN C 77 21.68 20.78 17.19
CA GLN C 77 20.49 20.71 18.05
C GLN C 77 20.74 20.02 19.40
N TRP C 78 21.96 19.51 19.65
CA TRP C 78 22.21 18.77 20.88
C TRP C 78 23.37 19.26 21.77
N ARG C 79 23.90 20.48 21.55
CA ARG C 79 24.95 21.04 22.43
C ARG C 79 24.25 21.58 23.70
N PHE C 80 24.91 22.43 24.52
CA PHE C 80 24.27 22.94 25.75
C PHE C 80 22.97 23.71 25.47
N ALA C 81 23.01 24.72 24.56
CA ALA C 81 21.85 25.53 24.21
C ALA C 81 20.77 24.70 23.51
N GLY C 82 21.21 23.74 22.68
CA GLY C 82 20.35 22.83 21.95
C GLY C 82 19.62 21.87 22.86
N SER C 83 20.32 21.36 23.89
CA SER C 83 19.76 20.43 24.88
C SER C 83 18.90 21.16 25.92
N PHE C 84 19.23 22.44 26.24
CA PHE C 84 18.48 23.28 27.20
C PHE C 84 17.12 23.62 26.61
N TYR C 85 17.08 23.97 25.30
CA TYR C 85 15.86 24.28 24.55
C TYR C 85 14.98 23.04 24.49
N PHE C 86 15.59 21.85 24.28
CA PHE C 86 14.90 20.56 24.25
C PHE C 86 14.34 20.22 25.63
N ALA C 87 15.15 20.42 26.69
CA ALA C 87 14.76 20.17 28.08
C ALA C 87 13.52 20.97 28.45
N ILE C 88 13.39 22.23 27.94
CA ILE C 88 12.24 23.10 28.14
C ILE C 88 11.00 22.43 27.55
N THR C 89 11.03 22.08 26.23
CA THR C 89 9.92 21.46 25.49
C THR C 89 9.39 20.15 26.13
N VAL C 90 10.23 19.44 26.91
CA VAL C 90 9.85 18.20 27.60
C VAL C 90 9.04 18.49 28.86
N ILE C 91 9.68 19.17 29.85
CA ILE C 91 9.09 19.48 31.16
C ILE C 91 7.88 20.46 31.06
N THR C 92 7.84 21.32 30.03
CA THR C 92 6.74 22.26 29.82
C THR C 92 5.63 21.65 28.94
N THR C 93 5.80 20.39 28.48
CA THR C 93 4.90 19.60 27.62
C THR C 93 4.65 20.23 26.23
N ILE C 94 5.50 21.19 25.79
CA ILE C 94 5.37 21.83 24.47
C ILE C 94 5.72 20.79 23.39
N GLY C 95 6.92 20.21 23.47
CA GLY C 95 7.44 19.19 22.58
C GLY C 95 7.24 19.41 21.09
N TYR C 96 7.95 20.41 20.52
CA TYR C 96 7.86 20.75 19.08
C TYR C 96 8.19 19.55 18.19
N GLY C 97 9.20 18.79 18.58
CA GLY C 97 9.67 17.62 17.84
C GLY C 97 10.70 17.97 16.78
N HIS C 98 11.22 19.21 16.82
CA HIS C 98 12.26 19.73 15.92
C HIS C 98 13.55 18.94 16.17
N ALA C 99 13.78 18.62 17.46
CA ALA C 99 14.88 17.83 18.01
C ALA C 99 14.24 16.80 18.93
N ALA C 100 14.48 15.52 18.66
CA ALA C 100 13.95 14.39 19.43
C ALA C 100 15.07 13.41 19.75
N PRO C 101 15.02 12.66 20.88
CA PRO C 101 16.12 11.73 21.19
C PRO C 101 16.27 10.60 20.17
N SER C 102 17.33 10.68 19.35
CA SER C 102 17.62 9.68 18.31
C SER C 102 18.15 8.36 18.88
N THR C 103 18.77 8.39 20.08
CA THR C 103 19.32 7.21 20.74
C THR C 103 18.31 6.56 21.69
N ASP C 104 18.48 5.24 21.95
CA ASP C 104 17.63 4.45 22.84
C ASP C 104 17.75 4.95 24.29
N GLY C 105 18.99 5.21 24.74
CA GLY C 105 19.31 5.72 26.07
C GLY C 105 18.73 7.11 26.31
N GLY C 106 18.79 7.95 25.28
CA GLY C 106 18.25 9.30 25.28
C GLY C 106 16.74 9.29 25.46
N LYS C 107 16.05 8.36 24.78
CA LYS C 107 14.59 8.16 24.85
C LYS C 107 14.17 7.73 26.26
N VAL C 108 15.00 6.88 26.92
CA VAL C 108 14.77 6.36 28.28
C VAL C 108 14.89 7.51 29.29
N PHE C 109 16.03 8.25 29.26
CA PHE C 109 16.23 9.40 30.15
C PHE C 109 15.15 10.46 29.92
N CYS C 110 14.69 10.64 28.67
CA CYS C 110 13.63 11.58 28.28
C CYS C 110 12.33 11.27 29.01
N MET C 111 12.02 9.98 29.21
CA MET C 111 10.82 9.52 29.90
C MET C 111 10.92 9.74 31.41
N PHE C 112 12.07 9.36 32.02
CA PHE C 112 12.34 9.53 33.45
C PHE C 112 12.39 11.02 33.83
N TYR C 113 12.98 11.84 32.95
CA TYR C 113 13.14 13.29 33.06
C TYR C 113 11.76 13.97 33.06
N ALA C 114 10.84 13.50 32.20
CA ALA C 114 9.47 13.99 32.08
C ALA C 114 8.61 13.60 33.28
N LEU C 115 8.74 12.33 33.76
CA LEU C 115 8.01 11.76 34.89
C LEU C 115 8.09 12.61 36.16
N LEU C 116 9.28 13.16 36.47
CA LEU C 116 9.52 14.02 37.63
C LEU C 116 9.44 15.51 37.26
N GLY C 117 9.89 15.85 36.06
CA GLY C 117 9.95 17.22 35.55
C GLY C 117 8.62 17.91 35.33
N ILE C 118 7.74 17.31 34.52
CA ILE C 118 6.39 17.84 34.20
C ILE C 118 5.63 18.24 35.50
N PRO C 119 5.48 17.37 36.54
CA PRO C 119 4.78 17.82 37.77
C PRO C 119 5.48 18.97 38.48
N LEU C 120 6.84 18.94 38.54
CA LEU C 120 7.67 19.98 39.16
C LEU C 120 7.46 21.34 38.46
N THR C 121 7.45 21.33 37.11
CA THR C 121 7.26 22.50 36.25
C THR C 121 5.86 23.07 36.40
N LEU C 122 4.83 22.19 36.37
CA LEU C 122 3.41 22.53 36.52
C LEU C 122 3.16 23.23 37.86
N VAL C 123 3.66 22.63 38.97
CA VAL C 123 3.52 23.15 40.34
C VAL C 123 4.24 24.51 40.46
N MET C 124 5.43 24.65 39.81
CA MET C 124 6.22 25.88 39.79
C MET C 124 5.44 27.03 39.13
N PHE C 125 4.82 26.76 37.97
CA PHE C 125 4.04 27.76 37.23
C PHE C 125 2.77 28.18 37.96
N GLN C 126 2.11 27.24 38.67
CA GLN C 126 0.90 27.52 39.45
C GLN C 126 1.24 28.31 40.72
N SER C 127 2.43 28.02 41.32
CA SER C 127 2.92 28.72 42.51
C SER C 127 3.35 30.15 42.19
N LEU C 128 4.19 30.33 41.14
CA LEU C 128 4.66 31.64 40.67
C LEU C 128 3.51 32.46 40.07
N GLY C 129 2.57 31.76 39.43
CA GLY C 129 1.37 32.35 38.85
C GLY C 129 0.46 32.95 39.90
N GLU C 130 0.35 32.28 41.06
CA GLU C 130 -0.43 32.72 42.22
C GLU C 130 0.20 33.97 42.83
N ARG C 131 1.55 34.02 42.90
CA ARG C 131 2.29 35.18 43.44
C ARG C 131 2.08 36.43 42.57
N ILE C 132 1.95 36.23 41.24
CA ILE C 132 1.69 37.30 40.27
C ILE C 132 0.26 37.83 40.47
N ASN C 133 -0.72 36.92 40.62
CA ASN C 133 -2.13 37.24 40.87
C ASN C 133 -2.28 38.02 42.18
N THR C 134 -1.56 37.59 43.25
CA THR C 134 -1.57 38.24 44.57
C THR C 134 -0.92 39.64 44.49
N LEU C 135 0.14 39.79 43.67
CA LEU C 135 0.81 41.08 43.45
C LEU C 135 -0.11 42.02 42.66
N VAL C 136 -0.80 41.50 41.62
CA VAL C 136 -1.77 42.22 40.78
C VAL C 136 -2.95 42.69 41.66
N ARG C 137 -3.43 41.79 42.55
CA ARG C 137 -4.51 42.05 43.50
C ARG C 137 -4.12 43.19 44.46
N TYR C 138 -2.85 43.19 44.93
CA TYR C 138 -2.31 44.22 45.82
C TYR C 138 -2.12 45.56 45.10
N LEU C 139 -1.52 45.54 43.90
CA LEU C 139 -1.25 46.73 43.08
C LEU C 139 -2.55 47.44 42.68
N LEU C 140 -3.61 46.67 42.34
CA LEU C 140 -4.92 47.21 41.96
C LEU C 140 -5.62 47.81 43.18
N HIS C 141 -5.49 47.17 44.36
CA HIS C 141 -6.07 47.65 45.62
C HIS C 141 -5.44 48.98 46.02
N ARG C 142 -4.09 49.10 45.88
CA ARG C 142 -3.32 50.31 46.17
C ARG C 142 -3.67 51.42 45.18
N ALA C 143 -3.89 51.05 43.89
CA ALA C 143 -4.26 51.97 42.82
C ALA C 143 -5.67 52.50 43.01
N LYS C 144 -6.62 51.64 43.46
CA LYS C 144 -8.02 51.99 43.72
C LYS C 144 -8.13 53.04 44.83
N LYS C 145 -7.41 52.82 45.95
CA LYS C 145 -7.39 53.77 47.07
C LYS C 145 -6.56 55.02 46.75
N GLY C 146 -5.58 54.85 45.85
CA GLY C 146 -4.70 55.92 45.38
C GLY C 146 -5.42 57.03 44.64
N LEU C 147 -6.33 56.65 43.71
CA LEU C 147 -7.12 57.59 42.93
C LEU C 147 -8.32 58.14 43.73
N GLY C 148 -8.76 57.40 44.75
CA GLY C 148 -9.87 57.77 45.63
C GLY C 148 -11.11 56.94 45.40
N MET C 149 -11.23 55.81 46.13
CA MET C 149 -12.39 54.92 46.01
C MET C 149 -12.84 54.36 47.35
N ARG C 150 -14.17 54.41 47.58
CA ARG C 150 -14.83 53.88 48.77
C ARG C 150 -14.84 52.34 48.72
N ARG C 151 -15.09 51.78 47.52
CA ARG C 151 -15.12 50.34 47.26
C ARG C 151 -13.77 49.90 46.64
N ALA C 152 -12.70 49.99 47.45
CA ALA C 152 -11.33 49.63 47.08
C ALA C 152 -11.12 48.12 46.89
N ASP C 153 -12.16 47.31 47.21
CA ASP C 153 -12.19 45.85 47.12
C ASP C 153 -11.96 45.35 45.69
N VAL C 154 -11.00 44.42 45.52
CA VAL C 154 -10.65 43.81 44.23
C VAL C 154 -11.55 42.58 44.02
N SER C 155 -12.35 42.60 42.94
CA SER C 155 -13.27 41.51 42.60
C SER C 155 -12.64 40.50 41.64
N MET C 156 -13.33 39.37 41.42
CA MET C 156 -12.93 38.29 40.51
C MET C 156 -12.95 38.82 39.07
N ALA C 157 -14.00 39.59 38.72
CA ALA C 157 -14.21 40.20 37.41
C ALA C 157 -13.08 41.12 36.98
N ASN C 158 -12.52 41.90 37.93
CA ASN C 158 -11.38 42.79 37.67
C ASN C 158 -10.10 41.97 37.45
N MET C 159 -9.97 40.83 38.16
CA MET C 159 -8.83 39.92 38.04
C MET C 159 -8.84 39.18 36.71
N VAL C 160 -10.04 38.77 36.23
CA VAL C 160 -10.21 38.06 34.95
C VAL C 160 -9.88 39.03 33.79
N LEU C 161 -10.30 40.30 33.93
CA LEU C 161 -10.06 41.36 32.94
C LEU C 161 -8.56 41.63 32.77
N ILE C 162 -7.83 41.89 33.89
CA ILE C 162 -6.38 42.13 33.90
C ILE C 162 -5.63 40.88 33.40
N GLY C 163 -6.09 39.71 33.85
CA GLY C 163 -5.54 38.41 33.48
C GLY C 163 -5.63 38.15 31.98
N PHE C 164 -6.82 38.38 31.40
CA PHE C 164 -7.08 38.18 29.97
C PHE C 164 -6.27 39.14 29.09
N PHE C 165 -6.15 40.42 29.52
CA PHE C 165 -5.39 41.44 28.82
C PHE C 165 -3.89 41.15 28.87
N SER C 166 -3.40 40.60 30.02
CA SER C 166 -2.00 40.22 30.24
C SER C 166 -1.58 39.11 29.28
N CYS C 167 -2.52 38.19 28.99
CA CYS C 167 -2.32 37.07 28.08
C CYS C 167 -2.15 37.56 26.64
N ILE C 168 -3.02 38.50 26.18
CA ILE C 168 -2.98 39.10 24.85
C ILE C 168 -1.68 39.91 24.69
N SER C 169 -1.31 40.70 25.73
CA SER C 169 -0.10 41.51 25.77
C SER C 169 1.14 40.64 25.59
N THR C 170 1.20 39.47 26.26
CA THR C 170 2.30 38.52 26.16
C THR C 170 2.40 37.97 24.73
N LEU C 171 1.25 37.57 24.16
CA LEU C 171 1.12 37.04 22.80
C LEU C 171 1.49 38.08 21.73
N CYS C 172 1.18 39.37 21.97
CA CYS C 172 1.47 40.48 21.06
C CYS C 172 2.93 40.90 21.10
N ILE C 173 3.53 40.98 22.31
CA ILE C 173 4.94 41.33 22.54
C ILE C 173 5.83 40.25 21.90
N GLY C 174 5.45 38.99 22.08
CA GLY C 174 6.12 37.84 21.49
C GLY C 174 6.00 37.80 19.99
N ALA C 175 4.79 38.10 19.46
CA ALA C 175 4.50 38.15 18.03
C ALA C 175 5.35 39.20 17.32
N ALA C 176 5.55 40.37 17.95
CA ALA C 176 6.37 41.45 17.39
C ALA C 176 7.84 41.08 17.35
N ALA C 177 8.31 40.40 18.42
CA ALA C 177 9.70 39.96 18.58
C ALA C 177 10.09 38.85 17.61
N PHE C 178 9.30 37.75 17.56
CA PHE C 178 9.57 36.62 16.68
C PHE C 178 9.38 36.96 15.19
N SER C 179 8.43 37.86 14.84
CA SER C 179 8.22 38.30 13.45
C SER C 179 9.42 39.15 12.96
N HIS C 180 10.15 39.76 13.91
CA HIS C 180 11.34 40.58 13.64
C HIS C 180 12.58 39.71 13.45
N TYR C 181 12.88 38.79 14.41
CA TYR C 181 14.06 37.94 14.38
C TYR C 181 13.92 36.73 13.45
N GLU C 182 12.79 36.01 13.49
CA GLU C 182 12.58 34.83 12.64
C GLU C 182 12.17 35.20 11.20
N HIS C 183 11.85 36.48 10.97
CA HIS C 183 11.40 37.05 9.69
C HIS C 183 10.06 36.45 9.23
N TRP C 184 9.13 36.26 10.18
CA TRP C 184 7.77 35.78 9.94
C TRP C 184 6.85 37.00 9.89
N THR C 185 5.55 36.79 9.61
CA THR C 185 4.58 37.88 9.65
C THR C 185 4.09 37.99 11.10
N PHE C 186 3.42 39.09 11.48
CA PHE C 186 2.92 39.24 12.85
C PHE C 186 1.93 38.13 13.19
N PHE C 187 1.05 37.76 12.22
CA PHE C 187 0.08 36.68 12.38
C PHE C 187 0.74 35.32 12.62
N GLN C 188 1.79 34.99 11.81
CA GLN C 188 2.54 33.73 11.91
C GLN C 188 3.23 33.61 13.27
N ALA C 189 3.84 34.72 13.75
CA ALA C 189 4.52 34.81 15.04
C ALA C 189 3.53 34.88 16.21
N TYR C 190 2.29 35.33 15.96
CA TYR C 190 1.21 35.36 16.96
C TYR C 190 0.69 33.93 17.13
N TYR C 191 0.54 33.22 15.99
CA TYR C 191 0.09 31.82 15.92
C TYR C 191 1.11 30.94 16.62
N TYR C 192 2.43 31.19 16.39
CA TYR C 192 3.53 30.47 17.04
C TYR C 192 3.48 30.65 18.56
N CYS C 193 3.35 31.90 19.05
CA CYS C 193 3.26 32.22 20.47
C CYS C 193 2.03 31.61 21.14
N PHE C 194 0.89 31.55 20.42
CA PHE C 194 -0.32 30.93 20.95
C PHE C 194 -0.09 29.42 21.15
N ILE C 195 0.34 28.73 20.08
CA ILE C 195 0.62 27.28 20.06
C ILE C 195 1.71 26.91 21.09
N THR C 196 2.69 27.80 21.33
CA THR C 196 3.77 27.59 22.31
C THR C 196 3.25 27.68 23.75
N LEU C 197 2.63 28.82 24.12
CA LEU C 197 2.13 29.10 25.47
C LEU C 197 0.90 28.28 25.88
N THR C 198 0.24 27.57 24.91
CA THR C 198 -0.88 26.68 25.21
C THR C 198 -0.39 25.23 25.32
N THR C 199 0.96 25.05 25.18
CA THR C 199 1.73 23.79 25.24
C THR C 199 1.34 22.79 24.14
N ILE C 200 0.67 23.26 23.06
CA ILE C 200 0.30 22.43 21.91
C ILE C 200 1.58 22.04 21.16
N GLY C 201 2.39 23.06 20.82
CA GLY C 201 3.67 22.93 20.14
C GLY C 201 3.70 21.98 18.97
N PHE C 202 3.03 22.35 17.86
CA PHE C 202 2.97 21.53 16.64
C PHE C 202 4.36 21.25 16.07
N GLY C 203 5.16 22.30 15.92
CA GLY C 203 6.51 22.19 15.36
C GLY C 203 6.62 22.79 13.97
N ASP C 204 5.48 23.29 13.43
CA ASP C 204 5.40 23.93 12.11
C ASP C 204 6.13 25.28 12.14
N TYR C 205 6.17 25.90 13.33
CA TYR C 205 6.86 27.15 13.64
C TYR C 205 7.67 26.90 14.91
N VAL C 206 9.01 27.00 14.82
CA VAL C 206 9.94 26.79 15.94
C VAL C 206 11.00 27.90 15.88
N ALA C 207 11.17 28.62 17.00
CA ALA C 207 12.17 29.68 17.11
C ALA C 207 13.55 29.08 17.29
N LEU C 208 14.62 29.88 17.05
CA LEU C 208 16.03 29.53 17.17
C LEU C 208 16.48 28.42 16.17
N GLN C 209 15.68 28.19 15.11
CA GLN C 209 15.95 27.19 14.06
C GLN C 209 16.41 27.82 12.73
N LYS C 210 16.65 29.13 12.72
CA LYS C 210 17.09 29.87 11.53
C LYS C 210 18.47 30.49 11.76
N ASP C 211 19.33 30.43 10.72
CA ASP C 211 20.69 31.00 10.68
C ASP C 211 21.61 30.54 11.84
N GLN C 212 21.44 29.28 12.30
CA GLN C 212 22.20 28.64 13.39
C GLN C 212 22.15 29.47 14.70
N ALA C 213 20.97 30.02 15.02
CA ALA C 213 20.70 30.88 16.18
C ALA C 213 21.11 30.30 17.53
N LEU C 214 20.94 28.98 17.72
CA LEU C 214 21.29 28.27 18.97
C LEU C 214 22.78 28.37 19.34
N GLN C 215 23.66 28.47 18.33
CA GLN C 215 25.10 28.53 18.55
C GLN C 215 25.71 29.91 18.23
N THR C 216 25.14 30.66 17.27
CA THR C 216 25.66 31.96 16.84
C THR C 216 25.01 33.19 17.51
N GLN C 217 23.71 33.11 17.88
CA GLN C 217 22.97 34.23 18.48
C GLN C 217 22.60 33.95 19.96
N PRO C 218 23.51 34.17 20.95
CA PRO C 218 23.17 33.86 22.34
C PRO C 218 22.16 34.82 22.98
N GLN C 219 22.20 36.12 22.60
CA GLN C 219 21.30 37.16 23.11
C GLN C 219 19.83 36.87 22.78
N TYR C 220 19.55 36.42 21.54
CA TYR C 220 18.19 36.07 21.09
C TYR C 220 17.75 34.73 21.71
N VAL C 221 18.70 33.81 21.95
CA VAL C 221 18.46 32.50 22.58
C VAL C 221 18.00 32.71 24.03
N ALA C 222 18.69 33.62 24.75
CA ALA C 222 18.39 34.00 26.13
C ALA C 222 16.98 34.59 26.24
N PHE C 223 16.60 35.45 25.27
CA PHE C 223 15.26 36.07 25.19
C PHE C 223 14.17 35.01 24.99
N SER C 224 14.35 34.10 24.01
CA SER C 224 13.39 33.04 23.66
C SER C 224 13.09 32.14 24.84
N PHE C 225 14.12 31.76 25.62
CA PHE C 225 13.95 30.93 26.82
C PHE C 225 13.21 31.71 27.91
N VAL C 226 13.57 33.01 28.11
CA VAL C 226 12.94 33.90 29.09
C VAL C 226 11.46 34.14 28.73
N TYR C 227 11.15 34.39 27.44
CA TYR C 227 9.78 34.59 26.96
C TYR C 227 8.90 33.36 27.13
N ILE C 228 9.41 32.16 26.77
CA ILE C 228 8.68 30.90 26.92
C ILE C 228 8.35 30.66 28.40
N LEU C 229 9.33 30.83 29.29
CA LEU C 229 9.17 30.64 30.73
C LEU C 229 8.27 31.70 31.38
N THR C 230 8.47 33.00 31.09
CA THR C 230 7.62 34.06 31.65
C THR C 230 6.20 34.02 31.08
N GLY C 231 6.09 33.70 29.79
CA GLY C 231 4.82 33.58 29.07
C GLY C 231 3.93 32.49 29.62
N LEU C 232 4.52 31.33 29.93
CA LEU C 232 3.81 30.19 30.52
C LEU C 232 3.33 30.49 31.93
N THR C 233 4.02 31.44 32.63
CA THR C 233 3.66 31.89 33.97
C THR C 233 2.41 32.77 33.89
N VAL C 234 2.35 33.65 32.86
CA VAL C 234 1.23 34.56 32.61
C VAL C 234 -0.04 33.74 32.31
N ILE C 235 0.08 32.72 31.43
CA ILE C 235 -1.03 31.83 31.08
C ILE C 235 -1.39 30.94 32.29
N GLY C 236 -0.37 30.43 32.99
CA GLY C 236 -0.51 29.61 34.18
C GLY C 236 -1.25 30.30 35.31
N ALA C 237 -1.00 31.62 35.49
CA ALA C 237 -1.64 32.50 36.47
C ALA C 237 -3.14 32.61 36.20
N PHE C 238 -3.51 32.74 34.90
CA PHE C 238 -4.90 32.84 34.45
C PHE C 238 -5.62 31.51 34.68
N LEU C 239 -4.91 30.38 34.49
CA LEU C 239 -5.44 29.04 34.71
C LEU C 239 -5.68 28.81 36.20
N ASN C 240 -4.74 29.23 37.07
CA ASN C 240 -4.83 29.14 38.53
C ASN C 240 -6.04 29.93 39.04
N LEU C 241 -6.32 31.08 38.39
CA LEU C 241 -7.43 31.98 38.72
C LEU C 241 -8.79 31.47 38.24
N VAL C 242 -8.89 31.04 36.97
CA VAL C 242 -10.14 30.66 36.33
C VAL C 242 -10.38 29.14 36.19
N VAL C 243 -9.44 28.40 35.56
CA VAL C 243 -9.59 26.97 35.23
C VAL C 243 -9.46 26.02 36.44
N LEU C 244 -8.37 26.13 37.21
CA LEU C 244 -8.02 25.26 38.35
C LEU C 244 -9.13 25.04 39.40
N ARG C 245 -9.98 26.06 39.65
CA ARG C 245 -11.08 25.97 40.63
C ARG C 245 -12.16 24.93 40.28
N PHE C 246 -12.31 24.61 38.97
CA PHE C 246 -13.30 23.64 38.47
C PHE C 246 -12.81 22.18 38.49
N MET C 247 -11.50 21.97 38.73
CA MET C 247 -10.89 20.64 38.78
C MET C 247 -11.06 19.97 40.14
N THR C 248 -11.04 20.76 41.22
CA THR C 248 -11.21 20.31 42.60
C THR C 248 -12.69 20.24 43.01
N MET C 249 -13.60 20.70 42.11
CA MET C 249 -15.05 20.77 42.28
C MET C 249 -15.71 19.44 42.67
N ASN C 250 -15.29 18.32 42.04
CA ASN C 250 -15.81 16.98 42.32
C ASN C 250 -15.40 16.48 43.70
N ALA C 251 -14.15 16.80 44.14
CA ALA C 251 -13.59 16.45 45.44
C ALA C 251 -14.29 17.21 46.56
N GLU C 252 -14.68 18.48 46.30
CA GLU C 252 -15.38 19.35 47.26
C GLU C 252 -16.79 18.84 47.52
N ASP C 253 -17.51 18.42 46.46
CA ASP C 253 -18.86 17.89 46.55
C ASP C 253 -18.89 16.52 47.23
N GLU C 254 -17.81 15.71 47.05
CA GLU C 254 -17.64 14.39 47.67
C GLU C 254 -17.40 14.57 49.16
N LYS C 255 -16.68 15.63 49.56
CA LYS C 255 -16.41 15.99 50.95
C LYS C 255 -17.69 16.51 51.61
N ARG C 256 -18.51 17.28 50.83
CA ARG C 256 -19.78 17.84 51.25
C ARG C 256 -20.81 16.73 51.51
N ASP C 257 -20.74 15.63 50.72
CA ASP C 257 -21.61 14.47 50.84
C ASP C 257 -21.34 13.69 52.13
N MET D 1 11.40 35.47 55.76
CA MET D 1 10.61 35.35 54.53
C MET D 1 9.40 34.44 54.73
N LYS D 2 8.27 34.78 54.09
CA LYS D 2 7.00 34.04 54.15
C LYS D 2 7.14 32.64 53.54
N ARG D 3 6.35 31.67 54.05
CA ARG D 3 6.35 30.27 53.58
C ARG D 3 6.04 30.15 52.09
N GLN D 4 5.10 30.97 51.58
CA GLN D 4 4.67 31.02 50.17
C GLN D 4 5.82 31.44 49.25
N ASN D 5 6.57 32.48 49.65
CA ASN D 5 7.71 33.04 48.91
C ASN D 5 8.90 32.09 48.89
N VAL D 6 9.13 31.35 49.99
CA VAL D 6 10.21 30.36 50.10
C VAL D 6 9.89 29.18 49.15
N ARG D 7 8.64 28.68 49.19
CA ARG D 7 8.13 27.58 48.35
C ARG D 7 8.26 27.91 46.86
N THR D 8 7.88 29.14 46.46
CA THR D 8 7.93 29.60 45.07
C THR D 8 9.39 29.71 44.60
N LEU D 9 10.26 30.39 45.38
CA LEU D 9 11.68 30.56 45.05
C LEU D 9 12.41 29.22 44.96
N ALA D 10 12.06 28.24 45.83
CA ALA D 10 12.64 26.90 45.83
C ALA D 10 12.28 26.16 44.53
N LEU D 11 11.00 26.24 44.10
CA LEU D 11 10.50 25.63 42.87
C LEU D 11 11.19 26.17 41.61
N ILE D 12 11.44 27.50 41.57
CA ILE D 12 12.13 28.19 40.46
C ILE D 12 13.58 27.67 40.37
N VAL D 13 14.29 27.63 41.52
CA VAL D 13 15.67 27.13 41.63
C VAL D 13 15.71 25.65 41.21
N CYS D 14 14.73 24.84 41.66
CA CYS D 14 14.59 23.43 41.32
C CYS D 14 14.41 23.20 39.83
N THR D 15 13.47 23.94 39.19
CA THR D 15 13.17 23.83 37.76
C THR D 15 14.38 24.23 36.90
N PHE D 16 15.07 25.34 37.24
CA PHE D 16 16.24 25.81 36.49
C PHE D 16 17.44 24.87 36.64
N THR D 17 17.66 24.29 37.83
CA THR D 17 18.75 23.32 38.05
C THR D 17 18.41 21.98 37.37
N TYR D 18 17.11 21.63 37.31
CA TYR D 18 16.61 20.42 36.65
C TYR D 18 16.80 20.55 35.13
N LEU D 19 16.73 21.79 34.61
CA LEU D 19 16.96 22.12 33.21
C LEU D 19 18.45 22.01 32.88
N LEU D 20 19.32 22.51 33.79
CA LEU D 20 20.78 22.47 33.66
C LEU D 20 21.30 21.04 33.72
N VAL D 21 20.70 20.20 34.59
CA VAL D 21 21.03 18.78 34.75
C VAL D 21 20.61 18.02 33.48
N GLY D 22 19.38 18.29 33.00
CA GLY D 22 18.83 17.72 31.78
C GLY D 22 19.65 18.04 30.55
N ALA D 23 20.01 19.33 30.37
CA ALA D 23 20.84 19.81 29.26
C ALA D 23 22.22 19.15 29.27
N ALA D 24 22.77 18.86 30.47
CA ALA D 24 24.06 18.20 30.66
C ALA D 24 23.99 16.71 30.28
N VAL D 25 22.88 16.02 30.65
CA VAL D 25 22.66 14.59 30.35
C VAL D 25 22.34 14.39 28.87
N PHE D 26 21.40 15.20 28.31
CA PHE D 26 21.01 15.13 26.90
C PHE D 26 22.16 15.46 25.95
N ASP D 27 23.17 16.20 26.44
CA ASP D 27 24.40 16.53 25.70
C ASP D 27 25.23 15.24 25.58
N ALA D 28 25.49 14.57 26.73
CA ALA D 28 26.26 13.33 26.83
C ALA D 28 25.70 12.17 26.00
N LEU D 29 24.37 12.06 25.92
CA LEU D 29 23.68 10.97 25.19
C LEU D 29 23.44 11.25 23.71
N GLU D 30 23.22 12.52 23.33
CA GLU D 30 22.84 12.86 21.95
C GLU D 30 23.83 13.70 21.11
N SER D 31 24.82 14.38 21.73
CA SER D 31 25.79 15.22 20.99
C SER D 31 26.63 14.43 20.00
N GLU D 32 27.35 13.38 20.45
CA GLU D 32 28.19 12.54 19.60
C GLU D 32 27.40 11.81 18.49
N PRO D 33 26.24 11.13 18.76
CA PRO D 33 25.50 10.47 17.66
C PRO D 33 24.98 11.42 16.58
N GLU D 34 24.58 12.65 16.96
CA GLU D 34 24.08 13.68 16.05
C GLU D 34 25.20 14.15 15.12
N LEU D 35 26.43 14.32 15.67
CA LEU D 35 27.62 14.73 14.93
C LEU D 35 28.02 13.64 13.95
N ILE D 36 27.86 12.36 14.36
CA ILE D 36 28.14 11.16 13.57
C ILE D 36 27.14 11.06 12.41
N GLU D 37 25.83 11.24 12.71
CA GLU D 37 24.75 11.19 11.75
C GLU D 37 24.83 12.31 10.71
N ARG D 38 25.19 13.54 11.15
CA ARG D 38 25.30 14.73 10.27
C ARG D 38 26.38 14.54 9.21
N GLN D 39 27.58 14.11 9.63
CA GLN D 39 28.72 13.88 8.74
C GLN D 39 28.45 12.73 7.76
N ARG D 40 27.76 11.68 8.22
CA ARG D 40 27.40 10.52 7.39
C ARG D 40 26.35 10.91 6.34
N LEU D 41 25.35 11.74 6.72
CA LEU D 41 24.30 12.22 5.81
C LEU D 41 24.81 13.23 4.80
N GLU D 42 25.79 14.08 5.19
CA GLU D 42 26.41 15.07 4.31
C GLU D 42 27.24 14.37 3.23
N LEU D 43 27.78 13.18 3.57
CA LEU D 43 28.53 12.30 2.66
C LEU D 43 27.54 11.67 1.67
N ARG D 44 26.34 11.28 2.17
CA ARG D 44 25.26 10.70 1.35
C ARG D 44 24.69 11.73 0.38
N GLN D 45 24.56 12.99 0.84
CA GLN D 45 24.05 14.13 0.08
C GLN D 45 24.96 14.43 -1.10
N GLN D 46 26.29 14.47 -0.87
CA GLN D 46 27.31 14.72 -1.89
C GLN D 46 27.40 13.56 -2.89
N GLU D 47 27.22 12.30 -2.42
CA GLU D 47 27.25 11.09 -3.24
C GLU D 47 26.09 11.04 -4.24
N LEU D 48 24.86 11.33 -3.78
CA LEU D 48 23.67 11.33 -4.63
C LEU D 48 23.62 12.55 -5.55
N ARG D 49 24.21 13.69 -5.13
CA ARG D 49 24.28 14.92 -5.94
C ARG D 49 25.21 14.71 -7.13
N ALA D 50 26.26 13.92 -6.91
CA ALA D 50 27.27 13.55 -7.90
C ALA D 50 26.68 12.62 -8.96
N ARG D 51 26.12 11.47 -8.52
CA ARG D 51 25.51 10.41 -9.34
C ARG D 51 24.40 10.91 -10.27
N TYR D 52 23.55 11.85 -9.79
CA TYR D 52 22.43 12.34 -10.60
C TYR D 52 22.65 13.77 -11.15
N ASN D 53 23.94 14.19 -11.23
CA ASN D 53 24.43 15.49 -11.75
C ASN D 53 23.58 16.67 -11.29
N LEU D 54 23.59 16.93 -9.97
CA LEU D 54 22.82 18.00 -9.33
C LEU D 54 23.68 19.14 -8.81
N SER D 55 23.23 20.38 -9.06
CA SER D 55 23.88 21.61 -8.64
C SER D 55 23.38 22.01 -7.24
N GLN D 56 23.87 23.15 -6.70
CA GLN D 56 23.46 23.69 -5.39
C GLN D 56 21.98 24.07 -5.41
N GLY D 57 21.57 24.79 -6.46
CA GLY D 57 20.19 25.20 -6.67
C GLY D 57 19.29 24.07 -7.15
N GLY D 58 19.90 23.07 -7.80
CA GLY D 58 19.22 21.88 -8.30
C GLY D 58 18.70 20.98 -7.22
N TYR D 59 19.54 20.76 -6.19
CA TYR D 59 19.23 19.96 -5.00
C TYR D 59 18.21 20.72 -4.14
N GLU D 60 18.41 22.05 -3.98
CA GLU D 60 17.56 22.94 -3.20
C GLU D 60 16.12 23.00 -3.70
N GLU D 61 15.90 22.92 -5.03
CA GLU D 61 14.57 22.91 -5.64
C GLU D 61 13.83 21.61 -5.31
N LEU D 62 14.55 20.48 -5.32
CA LEU D 62 14.01 19.17 -4.98
C LEU D 62 13.82 19.02 -3.47
N GLU D 63 14.63 19.76 -2.69
CA GLU D 63 14.61 19.78 -1.23
C GLU D 63 13.27 20.33 -0.71
N ARG D 64 12.80 21.44 -1.30
CA ARG D 64 11.53 22.11 -0.94
C ARG D 64 10.30 21.23 -1.22
N VAL D 65 10.31 20.50 -2.36
CA VAL D 65 9.21 19.63 -2.79
C VAL D 65 9.07 18.40 -1.86
N VAL D 66 10.20 17.76 -1.48
CA VAL D 66 10.25 16.59 -0.58
C VAL D 66 9.69 16.96 0.81
N LEU D 67 10.11 18.12 1.35
CA LEU D 67 9.68 18.62 2.66
C LEU D 67 8.18 18.96 2.69
N ARG D 68 7.67 19.63 1.63
CA ARG D 68 6.28 20.02 1.51
C ARG D 68 5.33 18.84 1.25
N LEU D 69 5.85 17.73 0.68
CA LEU D 69 5.07 16.51 0.40
C LEU D 69 4.99 15.55 1.60
N LYS D 70 5.85 15.77 2.63
CA LYS D 70 5.91 14.95 3.85
C LYS D 70 4.53 14.75 4.55
N PRO D 71 3.69 15.80 4.81
CA PRO D 71 2.39 15.52 5.43
C PRO D 71 1.40 14.81 4.51
N HIS D 72 1.57 14.97 3.18
CA HIS D 72 0.74 14.34 2.15
C HIS D 72 1.08 12.86 1.97
N LYS D 73 2.35 12.48 2.25
CA LYS D 73 2.89 11.11 2.15
C LYS D 73 2.10 10.10 2.98
N ALA D 74 1.66 10.50 4.19
CA ALA D 74 0.87 9.68 5.12
C ALA D 74 -0.57 9.42 4.62
N GLY D 75 -1.03 10.26 3.68
CA GLY D 75 -2.36 10.21 3.09
C GLY D 75 -3.18 11.46 3.34
N VAL D 76 -4.52 11.34 3.21
CA VAL D 76 -5.47 12.45 3.44
C VAL D 76 -5.57 12.70 4.95
N GLN D 77 -5.02 13.83 5.39
CA GLN D 77 -4.95 14.25 6.79
C GLN D 77 -6.07 15.19 7.22
N TRP D 78 -6.97 15.59 6.30
CA TRP D 78 -7.99 16.59 6.63
C TRP D 78 -9.45 16.18 6.37
N ARG D 79 -9.76 14.88 6.15
CA ARG D 79 -11.16 14.45 6.02
C ARG D 79 -11.78 14.35 7.44
N PHE D 80 -12.94 13.67 7.62
CA PHE D 80 -13.53 13.61 8.98
C PHE D 80 -12.60 12.97 10.02
N ALA D 81 -12.07 11.75 9.73
CA ALA D 81 -11.17 11.03 10.63
C ALA D 81 -9.85 11.78 10.84
N GLY D 82 -9.35 12.41 9.79
CA GLY D 82 -8.12 13.20 9.80
C GLY D 82 -8.25 14.46 10.65
N SER D 83 -9.43 15.13 10.55
CA SER D 83 -9.73 16.34 11.31
C SER D 83 -10.08 16.03 12.76
N PHE D 84 -10.73 14.86 13.02
CA PHE D 84 -11.09 14.41 14.37
C PHE D 84 -9.83 14.10 15.17
N TYR D 85 -8.84 13.44 14.52
CA TYR D 85 -7.53 13.10 15.10
C TYR D 85 -6.78 14.40 15.41
N PHE D 86 -6.87 15.39 14.51
CA PHE D 86 -6.25 16.71 14.68
C PHE D 86 -6.92 17.46 15.83
N ALA D 87 -8.27 17.44 15.89
CA ALA D 87 -9.06 18.10 16.93
C ALA D 87 -8.65 17.60 18.32
N ILE D 88 -8.34 16.27 18.44
CA ILE D 88 -7.88 15.63 19.68
C ILE D 88 -6.56 16.29 20.11
N THR D 89 -5.52 16.27 19.22
CA THR D 89 -4.18 16.82 19.45
C THR D 89 -4.18 18.30 19.89
N VAL D 90 -5.22 19.07 19.52
CA VAL D 90 -5.33 20.49 19.89
C VAL D 90 -5.84 20.65 21.32
N ILE D 91 -7.08 20.18 21.60
CA ILE D 91 -7.74 20.30 22.91
C ILE D 91 -7.03 19.51 24.03
N THR D 92 -6.32 18.40 23.68
CA THR D 92 -5.59 17.59 24.65
C THR D 92 -4.13 18.09 24.82
N THR D 93 -3.74 19.15 24.07
CA THR D 93 -2.41 19.80 24.04
C THR D 93 -1.27 18.86 23.60
N ILE D 94 -1.59 17.72 22.94
CA ILE D 94 -0.57 16.78 22.44
C ILE D 94 0.17 17.45 21.27
N GLY D 95 -0.59 17.86 20.25
CA GLY D 95 -0.11 18.55 19.06
C GLY D 95 1.14 17.99 18.42
N TYR D 96 1.02 16.79 17.79
CA TYR D 96 2.12 16.10 17.10
C TYR D 96 2.76 16.99 16.02
N GLY D 97 1.92 17.71 15.27
CA GLY D 97 2.35 18.58 14.19
C GLY D 97 2.47 17.85 12.87
N HIS D 98 1.96 16.59 12.82
CA HIS D 98 1.94 15.74 11.62
C HIS D 98 1.02 16.39 10.58
N ALA D 99 -0.08 17.00 11.08
CA ALA D 99 -1.08 17.76 10.35
C ALA D 99 -1.27 19.06 11.12
N ALA D 100 -1.08 20.19 10.43
CA ALA D 100 -1.20 21.53 11.00
C ALA D 100 -2.05 22.39 10.06
N PRO D 101 -2.81 23.40 10.56
CA PRO D 101 -3.65 24.22 9.66
C PRO D 101 -2.83 25.02 8.64
N SER D 102 -2.90 24.60 7.37
CA SER D 102 -2.16 25.22 6.26
C SER D 102 -2.76 26.58 5.86
N THR D 103 -4.08 26.79 6.11
CA THR D 103 -4.79 28.03 5.78
C THR D 103 -4.77 29.02 6.94
N ASP D 104 -4.89 30.33 6.61
CA ASP D 104 -4.94 31.43 7.58
C ASP D 104 -6.17 31.32 8.49
N GLY D 105 -7.32 31.02 7.89
CA GLY D 105 -8.59 30.83 8.59
C GLY D 105 -8.59 29.64 9.52
N GLY D 106 -7.93 28.56 9.09
CA GLY D 106 -7.77 27.33 9.85
C GLY D 106 -6.95 27.59 11.10
N LYS D 107 -5.89 28.41 10.97
CA LYS D 107 -4.99 28.82 12.08
C LYS D 107 -5.76 29.65 13.10
N VAL D 108 -6.68 30.55 12.63
CA VAL D 108 -7.52 31.41 13.48
C VAL D 108 -8.51 30.56 14.25
N PHE D 109 -9.28 29.70 13.54
CA PHE D 109 -10.26 28.81 14.18
C PHE D 109 -9.57 27.87 15.18
N CYS D 110 -8.34 27.41 14.87
CA CYS D 110 -7.53 26.55 15.75
C CYS D 110 -7.23 27.24 17.08
N MET D 111 -6.97 28.57 17.05
CA MET D 111 -6.70 29.39 18.24
C MET D 111 -7.95 29.54 19.10
N PHE D 112 -9.11 29.90 18.48
CA PHE D 112 -10.40 30.04 19.17
C PHE D 112 -10.87 28.69 19.75
N TYR D 113 -10.65 27.61 18.98
CA TYR D 113 -10.98 26.22 19.32
C TYR D 113 -10.19 25.76 20.55
N ALA D 114 -8.89 26.12 20.61
CA ALA D 114 -7.98 25.79 21.71
C ALA D 114 -8.28 26.60 22.98
N LEU D 115 -8.62 27.90 22.82
CA LEU D 115 -8.94 28.84 23.90
C LEU D 115 -10.05 28.33 24.83
N LEU D 116 -11.11 27.72 24.25
CA LEU D 116 -12.24 27.18 24.98
C LEU D 116 -12.10 25.66 25.21
N GLY D 117 -11.52 24.97 24.24
CA GLY D 117 -11.33 23.53 24.25
C GLY D 117 -10.41 22.97 25.32
N ILE D 118 -9.14 23.45 25.34
CA ILE D 118 -8.12 23.03 26.30
C ILE D 118 -8.65 23.09 27.76
N PRO D 119 -9.24 24.22 28.28
CA PRO D 119 -9.78 24.20 29.65
C PRO D 119 -10.90 23.19 29.85
N LEU D 120 -11.81 23.06 28.86
CA LEU D 120 -12.94 22.11 28.87
C LEU D 120 -12.43 20.66 29.00
N THR D 121 -11.41 20.30 28.20
CA THR D 121 -10.80 18.97 28.14
C THR D 121 -10.01 18.66 29.42
N LEU D 122 -9.28 19.65 29.96
CA LEU D 122 -8.51 19.55 31.20
C LEU D 122 -9.43 19.28 32.38
N VAL D 123 -10.52 20.07 32.51
CA VAL D 123 -11.53 19.96 33.57
C VAL D 123 -12.26 18.59 33.45
N MET D 124 -12.53 18.13 32.20
CA MET D 124 -13.16 16.84 31.90
C MET D 124 -12.30 15.67 32.40
N PHE D 125 -10.97 15.70 32.12
CA PHE D 125 -10.04 14.65 32.54
C PHE D 125 -9.84 14.60 34.06
N GLN D 126 -9.87 15.77 34.72
CA GLN D 126 -9.74 15.86 36.18
C GLN D 126 -11.04 15.41 36.86
N SER D 127 -12.20 15.70 36.24
CA SER D 127 -13.51 15.31 36.76
C SER D 127 -13.73 13.80 36.61
N LEU D 128 -13.49 13.24 35.40
CA LEU D 128 -13.62 11.80 35.12
C LEU D 128 -12.55 11.00 35.86
N GLY D 129 -11.37 11.60 36.02
CA GLY D 129 -10.25 11.01 36.74
C GLY D 129 -10.56 10.84 38.22
N GLU D 130 -11.27 11.84 38.81
CA GLU D 130 -11.71 11.84 40.21
C GLU D 130 -12.75 10.74 40.42
N ARG D 131 -13.68 10.55 39.45
CA ARG D 131 -14.73 9.53 39.52
C ARG D 131 -14.13 8.13 39.51
N ILE D 132 -13.01 7.93 38.76
CA ILE D 132 -12.28 6.67 38.68
C ILE D 132 -11.59 6.40 40.03
N ASN D 133 -10.93 7.43 40.62
CA ASN D 133 -10.27 7.35 41.92
C ASN D 133 -11.28 7.02 43.03
N THR D 134 -12.47 7.67 43.00
CA THR D 134 -13.56 7.44 43.95
C THR D 134 -14.13 6.02 43.80
N LEU D 135 -14.22 5.51 42.55
CA LEU D 135 -14.70 4.15 42.28
C LEU D 135 -13.67 3.13 42.78
N VAL D 136 -12.37 3.39 42.53
CA VAL D 136 -11.24 2.55 42.97
C VAL D 136 -11.21 2.52 44.50
N ARG D 137 -11.40 3.69 45.15
CA ARG D 137 -11.46 3.85 46.60
C ARG D 137 -12.62 3.03 47.19
N TYR D 138 -13.78 3.03 46.51
CA TYR D 138 -14.98 2.29 46.93
C TYR D 138 -14.80 0.78 46.74
N LEU D 139 -14.29 0.36 45.56
CA LEU D 139 -14.06 -1.05 45.22
C LEU D 139 -13.05 -1.71 46.16
N LEU D 140 -11.98 -0.98 46.53
CA LEU D 140 -10.94 -1.46 47.45
C LEU D 140 -11.50 -1.57 48.87
N HIS D 141 -12.33 -0.60 49.29
CA HIS D 141 -12.98 -0.57 50.60
C HIS D 141 -13.93 -1.76 50.75
N ARG D 142 -14.70 -2.06 49.69
CA ARG D 142 -15.63 -3.20 49.65
C ARG D 142 -14.86 -4.52 49.65
N ALA D 143 -13.71 -4.57 48.93
CA ALA D 143 -12.84 -5.75 48.85
C ALA D 143 -12.17 -6.03 50.20
N LYS D 144 -11.74 -4.96 50.91
CA LYS D 144 -11.10 -5.04 52.23
C LYS D 144 -12.06 -5.63 53.27
N LYS D 145 -13.34 -5.15 53.29
CA LYS D 145 -14.37 -5.66 54.20
C LYS D 145 -14.84 -7.06 53.77
N GLY D 146 -14.75 -7.35 52.47
CA GLY D 146 -15.12 -8.62 51.86
C GLY D 146 -14.29 -9.78 52.37
N LEU D 147 -12.95 -9.60 52.40
CA LEU D 147 -12.01 -10.62 52.89
C LEU D 147 -11.97 -10.70 54.44
N GLY D 148 -12.34 -9.60 55.10
CA GLY D 148 -12.38 -9.51 56.55
C GLY D 148 -11.32 -8.59 57.13
N MET D 149 -11.65 -7.29 57.30
CA MET D 149 -10.76 -6.27 57.85
C MET D 149 -11.53 -5.24 58.67
N ALA D 152 -10.29 -1.88 56.66
CA ALA D 152 -11.30 -1.37 55.72
C ALA D 152 -10.92 0.00 55.18
N ASP D 153 -10.22 0.84 55.98
CA ASP D 153 -9.81 2.18 55.59
C ASP D 153 -8.81 2.19 54.43
N VAL D 154 -9.15 2.93 53.36
CA VAL D 154 -8.31 3.07 52.16
C VAL D 154 -7.38 4.26 52.38
N SER D 155 -6.06 4.00 52.35
CA SER D 155 -5.03 5.02 52.55
C SER D 155 -4.58 5.64 51.23
N MET D 156 -3.79 6.73 51.33
CA MET D 156 -3.21 7.45 50.19
C MET D 156 -2.19 6.55 49.49
N ALA D 157 -1.38 5.82 50.28
CA ALA D 157 -0.34 4.90 49.81
C ALA D 157 -0.91 3.76 48.95
N ASN D 158 -2.12 3.25 49.30
CA ASN D 158 -2.82 2.21 48.54
C ASN D 158 -3.29 2.78 47.21
N MET D 159 -3.75 4.04 47.22
CA MET D 159 -4.24 4.77 46.04
C MET D 159 -3.13 5.11 45.06
N VAL D 160 -1.93 5.48 45.57
CA VAL D 160 -0.75 5.80 44.75
C VAL D 160 -0.25 4.52 44.08
N LEU D 161 -0.27 3.39 44.81
CA LEU D 161 0.14 2.07 44.31
C LEU D 161 -0.74 1.61 43.14
N ILE D 162 -2.10 1.61 43.33
CA ILE D 162 -3.07 1.24 42.29
C ILE D 162 -2.97 2.20 41.09
N GLY D 163 -2.84 3.50 41.38
CA GLY D 163 -2.69 4.55 40.37
C GLY D 163 -1.46 4.38 39.51
N PHE D 164 -0.30 4.14 40.16
CA PHE D 164 0.99 3.94 39.48
C PHE D 164 1.00 2.67 38.61
N PHE D 165 0.40 1.57 39.10
CA PHE D 165 0.29 0.31 38.36
C PHE D 165 -0.64 0.46 37.15
N SER D 166 -1.74 1.25 37.31
CA SER D 166 -2.73 1.53 36.27
C SER D 166 -2.08 2.25 35.10
N CYS D 167 -1.11 3.14 35.38
CA CYS D 167 -0.38 3.91 34.37
C CYS D 167 0.60 3.05 33.58
N ILE D 168 1.28 2.10 34.26
CA ILE D 168 2.19 1.14 33.60
C ILE D 168 1.37 0.20 32.71
N SER D 169 0.22 -0.29 33.23
CA SER D 169 -0.70 -1.17 32.51
C SER D 169 -1.20 -0.50 31.22
N THR D 170 -1.56 0.80 31.28
CA THR D 170 -2.02 1.60 30.13
C THR D 170 -0.91 1.72 29.09
N LEU D 171 0.33 2.07 29.53
CA LEU D 171 1.49 2.21 28.66
C LEU D 171 1.89 0.89 28.00
N CYS D 172 1.82 -0.24 28.75
CA CYS D 172 2.14 -1.59 28.26
C CYS D 172 1.12 -2.11 27.26
N ILE D 173 -0.20 -1.94 27.54
CA ILE D 173 -1.30 -2.35 26.66
C ILE D 173 -1.20 -1.58 25.34
N GLY D 174 -0.96 -0.28 25.43
CA GLY D 174 -0.78 0.60 24.28
C GLY D 174 0.48 0.30 23.50
N ALA D 175 1.57 -0.05 24.20
CA ALA D 175 2.85 -0.40 23.58
C ALA D 175 2.70 -1.68 22.76
N ALA D 176 1.94 -2.66 23.28
CA ALA D 176 1.70 -3.94 22.64
C ALA D 176 0.89 -3.81 21.35
N ALA D 177 -0.13 -2.92 21.34
CA ALA D 177 -1.00 -2.70 20.20
C ALA D 177 -0.36 -1.87 19.09
N PHE D 178 0.26 -0.72 19.43
CA PHE D 178 0.89 0.17 18.44
C PHE D 178 2.11 -0.47 17.76
N SER D 179 2.85 -1.33 18.48
CA SER D 179 4.01 -2.06 17.94
C SER D 179 3.56 -3.13 16.93
N HIS D 180 2.34 -3.65 17.11
CA HIS D 180 1.72 -4.64 16.24
C HIS D 180 1.20 -4.01 14.96
N TYR D 181 0.39 -2.92 15.07
CA TYR D 181 -0.21 -2.24 13.92
C TYR D 181 0.74 -1.31 13.18
N GLU D 182 1.49 -0.45 13.91
CA GLU D 182 2.43 0.50 13.29
C GLU D 182 3.82 -0.10 13.02
N HIS D 183 3.96 -1.41 13.27
CA HIS D 183 5.16 -2.22 13.05
C HIS D 183 6.44 -1.62 13.69
N TRP D 184 6.30 -1.08 14.92
CA TRP D 184 7.42 -0.56 15.72
C TRP D 184 7.84 -1.65 16.70
N THR D 185 8.89 -1.40 17.49
CA THR D 185 9.33 -2.34 18.54
C THR D 185 8.49 -2.00 19.78
N PHE D 186 8.47 -2.90 20.79
CA PHE D 186 7.70 -2.64 22.02
C PHE D 186 8.17 -1.35 22.70
N PHE D 187 9.50 -1.12 22.74
CA PHE D 187 10.11 0.08 23.31
C PHE D 187 9.68 1.36 22.57
N GLN D 188 9.71 1.35 21.21
CA GLN D 188 9.32 2.48 20.37
C GLN D 188 7.86 2.86 20.58
N ALA D 189 6.97 1.85 20.66
CA ALA D 189 5.54 2.06 20.90
C ALA D 189 5.26 2.43 22.37
N TYR D 190 6.14 2.01 23.32
CA TYR D 190 6.03 2.37 24.74
C TYR D 190 6.41 3.85 24.88
N TYR D 191 7.48 4.26 24.14
CA TYR D 191 7.97 5.64 24.10
C TYR D 191 6.91 6.54 23.48
N TYR D 192 6.24 6.07 22.40
CA TYR D 192 5.16 6.78 21.73
C TYR D 192 3.99 7.01 22.69
N CYS D 193 3.55 5.95 23.41
CA CYS D 193 2.45 6.01 24.38
C CYS D 193 2.78 6.96 25.52
N PHE D 194 4.04 6.95 26.01
CA PHE D 194 4.47 7.84 27.09
C PHE D 194 4.37 9.31 26.65
N ILE D 195 5.00 9.64 25.50
CA ILE D 195 5.02 10.98 24.89
C ILE D 195 3.60 11.45 24.54
N THR D 196 2.69 10.52 24.22
CA THR D 196 1.28 10.81 23.91
C THR D 196 0.50 11.17 25.18
N LEU D 197 0.57 10.31 26.22
CA LEU D 197 -0.19 10.46 27.46
C LEU D 197 0.35 11.57 28.39
N THR D 198 1.60 12.03 28.19
CA THR D 198 2.15 13.13 28.98
C THR D 198 1.95 14.48 28.25
N THR D 199 1.25 14.46 27.09
CA THR D 199 0.88 15.57 26.20
C THR D 199 2.09 16.30 25.59
N ILE D 200 3.28 15.65 25.58
CA ILE D 200 4.49 16.20 24.99
C ILE D 200 4.32 16.20 23.46
N GLY D 201 3.95 15.04 22.91
CA GLY D 201 3.68 14.81 21.49
C GLY D 201 4.68 15.42 20.53
N PHE D 202 5.90 14.86 20.49
CA PHE D 202 6.97 15.34 19.61
C PHE D 202 6.58 15.30 18.14
N GLY D 203 6.06 14.14 17.70
CA GLY D 203 5.66 13.93 16.32
C GLY D 203 6.58 12.99 15.57
N ASP D 204 7.66 12.52 16.25
CA ASP D 204 8.65 11.57 15.72
C ASP D 204 8.00 10.19 15.53
N TYR D 205 6.97 9.90 16.34
CA TYR D 205 6.15 8.70 16.31
C TYR D 205 4.69 9.17 16.37
N VAL D 206 3.92 8.88 15.30
CA VAL D 206 2.51 9.25 15.19
C VAL D 206 1.75 8.05 14.63
N ALA D 207 0.68 7.62 15.33
CA ALA D 207 -0.15 6.50 14.89
C ALA D 207 -1.08 6.96 13.76
N LEU D 208 -1.60 5.98 12.99
CA LEU D 208 -2.53 6.14 11.84
C LEU D 208 -1.91 6.81 10.61
N GLN D 209 -0.57 7.01 10.62
CA GLN D 209 0.18 7.66 9.54
C GLN D 209 0.86 6.67 8.56
N LYS D 210 0.58 5.37 8.71
CA LYS D 210 1.14 4.32 7.86
C LYS D 210 0.03 3.56 7.13
N ASP D 211 0.22 3.31 5.81
CA ASP D 211 -0.68 2.59 4.88
C ASP D 211 -2.09 3.21 4.77
N GLN D 212 -2.17 4.58 4.85
CA GLN D 212 -3.42 5.38 4.77
C GLN D 212 -4.49 4.89 5.76
N ALA D 213 -4.05 4.59 7.01
CA ALA D 213 -4.88 4.07 8.11
C ALA D 213 -6.10 4.92 8.45
N LEU D 214 -5.99 6.26 8.35
CA LEU D 214 -7.10 7.19 8.65
C LEU D 214 -8.33 6.99 7.77
N GLN D 215 -8.13 6.53 6.51
CA GLN D 215 -9.20 6.33 5.55
C GLN D 215 -9.51 4.86 5.26
N THR D 216 -8.48 3.97 5.31
CA THR D 216 -8.62 2.54 4.99
C THR D 216 -8.85 1.62 6.20
N GLN D 217 -8.33 1.97 7.40
CA GLN D 217 -8.45 1.16 8.61
C GLN D 217 -9.33 1.85 9.69
N PRO D 218 -10.68 1.72 9.63
CA PRO D 218 -11.53 2.40 10.63
C PRO D 218 -11.47 1.80 12.03
N GLN D 219 -11.35 0.46 12.14
CA GLN D 219 -11.28 -0.28 13.41
C GLN D 219 -10.10 0.15 14.27
N TYR D 220 -8.94 0.35 13.64
CA TYR D 220 -7.71 0.79 14.30
C TYR D 220 -7.81 2.28 14.67
N VAL D 221 -8.45 3.08 13.80
CA VAL D 221 -8.68 4.53 14.01
C VAL D 221 -9.48 4.75 15.30
N ALA D 222 -10.59 4.01 15.48
CA ALA D 222 -11.46 4.07 16.65
C ALA D 222 -10.72 3.67 17.93
N PHE D 223 -9.91 2.57 17.87
CA PHE D 223 -9.11 2.11 19.03
C PHE D 223 -8.12 3.19 19.48
N SER D 224 -7.38 3.78 18.51
CA SER D 224 -6.39 4.83 18.76
C SER D 224 -6.99 6.04 19.46
N PHE D 225 -8.21 6.46 19.06
CA PHE D 225 -8.91 7.59 19.67
C PHE D 225 -9.40 7.24 21.08
N VAL D 226 -9.89 5.98 21.25
CA VAL D 226 -10.35 5.48 22.54
C VAL D 226 -9.18 5.35 23.53
N TYR D 227 -8.03 4.81 23.06
CA TYR D 227 -6.82 4.66 23.88
C TYR D 227 -6.24 6.00 24.33
N ILE D 228 -6.14 6.99 23.42
CA ILE D 228 -5.62 8.32 23.73
C ILE D 228 -6.52 8.99 24.79
N LEU D 229 -7.85 8.93 24.62
CA LEU D 229 -8.81 9.52 25.54
C LEU D 229 -8.87 8.80 26.89
N THR D 230 -8.92 7.45 26.90
CA THR D 230 -8.95 6.69 28.17
C THR D 230 -7.61 6.76 28.90
N GLY D 231 -6.52 6.73 28.13
CA GLY D 231 -5.16 6.81 28.66
C GLY D 231 -4.86 8.11 29.37
N LEU D 232 -5.33 9.24 28.81
CA LEU D 232 -5.17 10.57 29.39
C LEU D 232 -5.99 10.70 30.68
N THR D 233 -7.08 9.90 30.81
CA THR D 233 -7.93 9.86 32.00
C THR D 233 -7.19 9.13 33.13
N VAL D 234 -6.47 8.04 32.79
CA VAL D 234 -5.68 7.24 33.74
C VAL D 234 -4.55 8.10 34.31
N ILE D 235 -3.81 8.83 33.45
CA ILE D 235 -2.74 9.74 33.86
C ILE D 235 -3.31 10.94 34.62
N GLY D 236 -4.43 11.48 34.13
CA GLY D 236 -5.15 12.59 34.74
C GLY D 236 -5.64 12.28 36.15
N ALA D 237 -6.08 11.02 36.38
CA ALA D 237 -6.55 10.54 37.68
C ALA D 237 -5.41 10.55 38.70
N PHE D 238 -4.20 10.14 38.26
CA PHE D 238 -2.99 10.09 39.08
C PHE D 238 -2.50 11.51 39.43
N LEU D 239 -2.67 12.46 38.48
CA LEU D 239 -2.33 13.87 38.68
C LEU D 239 -3.28 14.52 39.69
N ASN D 240 -4.59 14.19 39.59
CA ASN D 240 -5.66 14.68 40.47
C ASN D 240 -5.43 14.18 41.91
N LEU D 241 -4.82 13.00 42.05
CA LEU D 241 -4.51 12.35 43.31
C LEU D 241 -3.20 12.87 43.94
N VAL D 242 -2.12 12.95 43.15
CA VAL D 242 -0.78 13.29 43.64
C VAL D 242 -0.32 14.75 43.35
N VAL D 243 -0.37 15.19 42.08
CA VAL D 243 0.16 16.50 41.65
C VAL D 243 -0.73 17.71 42.03
N LEU D 244 -2.04 17.67 41.69
CA LEU D 244 -3.02 18.75 41.88
C LEU D 244 -3.09 19.35 43.30
N ARG D 245 -2.85 18.55 44.35
CA ARG D 245 -2.89 19.01 45.75
C ARG D 245 -1.80 20.05 46.09
N PHE D 246 -0.66 20.04 45.35
CA PHE D 246 0.46 20.96 45.55
C PHE D 246 0.32 22.31 44.83
N MET D 247 -0.69 22.43 43.93
CA MET D 247 -0.96 23.64 43.16
C MET D 247 -1.78 24.66 43.95
N THR D 248 -2.69 24.18 44.81
CA THR D 248 -3.54 25.00 45.68
C THR D 248 -2.84 25.37 47.01
N MET D 249 -1.63 24.85 47.22
CA MET D 249 -0.79 25.03 48.42
C MET D 249 -0.48 26.49 48.79
N ASN D 250 -0.15 27.34 47.80
CA ASN D 250 0.15 28.76 48.02
C ASN D 250 -1.11 29.55 48.39
N ALA D 251 -2.27 29.16 47.83
CA ALA D 251 -3.57 29.79 48.10
C ALA D 251 -4.04 29.48 49.53
N GLU D 252 -3.75 28.25 50.02
CA GLU D 252 -4.10 27.79 51.38
C GLU D 252 -3.30 28.54 52.44
N ASP D 253 -1.98 28.74 52.20
CA ASP D 253 -1.06 29.45 53.09
C ASP D 253 -1.39 30.94 53.12
N GLU D 254 -1.85 31.50 51.98
CA GLU D 254 -2.24 32.91 51.85
C GLU D 254 -3.52 33.16 52.65
N LYS D 255 -4.43 32.17 52.68
CA LYS D 255 -5.68 32.20 53.44
C LYS D 255 -5.36 32.08 54.94
N ARG D 256 -4.36 31.23 55.28
CA ARG D 256 -3.88 30.99 56.64
C ARG D 256 -3.23 32.25 57.23
N ASP D 257 -2.55 33.04 56.37
CA ASP D 257 -1.89 34.29 56.73
C ASP D 257 -2.91 35.36 57.11
N ALA D 258 -4.00 35.48 56.32
CA ALA D 258 -5.08 36.45 56.53
C ALA D 258 -5.92 36.13 57.77
N GLU D 259 -6.20 34.82 58.02
CA GLU D 259 -6.98 34.34 59.16
C GLU D 259 -6.34 34.66 60.52
N ASN D 260 -5.05 34.32 60.69
CA ASN D 260 -4.29 34.56 61.92
C ASN D 260 -4.02 36.04 62.19
N LEU D 261 -3.75 36.83 61.13
CA LEU D 261 -3.47 38.27 61.23
C LEU D 261 -4.78 39.06 61.18
K K E . 0.78 -18.34 -22.86
K K F . -1.56 -19.42 -23.90
K K G . -4.49 -20.96 -25.27
CAA Y01 H . -9.57 -34.49 -22.48
CBA Y01 H . -9.71 -34.98 -21.04
CAB Y01 H . -8.70 -36.06 -20.76
CAN Y01 H . -11.12 -35.42 -20.58
CAJ Y01 H . -12.19 -34.34 -20.55
CAO Y01 H . -13.43 -34.70 -19.75
CBB Y01 H . -14.71 -33.95 -20.19
CAC Y01 H . -15.42 -34.74 -21.30
CBE Y01 H . -15.61 -33.62 -18.98
CAP Y01 H . -14.88 -32.81 -17.88
CAQ Y01 H . -15.96 -32.00 -17.13
CBG Y01 H . -17.28 -32.54 -17.69
CBI Y01 H . -16.95 -32.84 -19.18
CAE Y01 H . -16.76 -31.57 -20.04
CAU Y01 H . -18.13 -33.67 -19.71
CAS Y01 H . -19.49 -32.99 -19.53
CBF Y01 H . -19.78 -32.55 -18.08
CBD Y01 H . -18.59 -31.76 -17.47
CAK Y01 H . -18.84 -31.52 -15.98
CAI Y01 H . -20.26 -31.12 -15.68
CAZ Y01 H . -21.29 -31.25 -16.51
CAV Y01 H . -22.68 -30.83 -16.08
CBH Y01 H . -21.15 -31.81 -17.93
CAD Y01 H . -21.27 -30.63 -18.93
CAT Y01 H . -22.28 -32.82 -18.19
CAR Y01 H . -23.69 -32.35 -17.80
CBC Y01 H . -23.71 -31.91 -16.35
OAW Y01 H . -25.03 -31.34 -16.08
CAY Y01 H . -26.03 -32.13 -15.65
OAG Y01 H . -25.90 -33.29 -15.37
CAM Y01 H . -27.33 -31.37 -15.58
CAL Y01 H . -28.05 -31.29 -16.93
CAX Y01 H . -28.40 -32.62 -17.53
OAH Y01 H . -28.10 -32.69 -18.80
OAF Y01 H . -28.92 -33.53 -16.92
CAA Y01 I . 2.16 -30.94 -43.94
CBA Y01 I . 3.52 -30.96 -43.27
CAB Y01 I . 3.89 -32.36 -42.81
CAN Y01 I . 4.64 -30.31 -44.08
CAJ Y01 I . 4.68 -28.78 -44.11
CAO Y01 I . 5.91 -28.20 -44.82
CBB Y01 I . 7.21 -28.18 -44.01
CAC Y01 I . 8.25 -29.10 -44.65
CBE Y01 I . 7.72 -26.73 -43.80
CAP Y01 I . 6.64 -25.83 -43.13
CAQ Y01 I . 7.40 -24.73 -42.35
CBG Y01 I . 8.85 -24.90 -42.82
CBI Y01 I . 9.01 -26.43 -42.99
CAE Y01 I . 9.04 -27.18 -41.64
CAU Y01 I . 10.34 -26.63 -43.75
CAS Y01 I . 11.55 -25.96 -43.08
CBF Y01 I . 11.33 -24.47 -42.77
CBD Y01 I . 9.99 -24.20 -42.05
CAK Y01 I . 9.74 -22.69 -41.97
CAI Y01 I . 10.96 -21.92 -41.57
CAZ Y01 I . 12.21 -22.39 -41.61
CAV Y01 I . 13.36 -21.50 -41.19
CBH Y01 I . 12.55 -23.82 -42.03
CAD Y01 I . 12.95 -24.62 -40.77
CAT Y01 I . 13.75 -23.77 -43.01
CAR Y01 I . 14.93 -22.90 -42.54
CBC Y01 I . 14.48 -21.49 -42.21
OAW Y01 I . 15.62 -20.80 -41.59
CAY Y01 I . 15.99 -19.59 -42.03
OAG Y01 I . 15.41 -18.98 -42.90
CAM Y01 I . 17.21 -19.11 -41.30
CAL Y01 I . 17.43 -17.61 -41.34
CAX Y01 I . 16.34 -16.79 -40.67
OAH Y01 I . 15.89 -15.84 -41.43
OAF Y01 I . 15.96 -16.99 -39.54
N1 KKZ J . -7.79 -22.95 -27.65
N3 KKZ J . -5.34 -26.45 -29.46
C4 KKZ J . -10.07 -21.86 -27.44
C5 KKZ J . -8.09 -24.28 -28.21
C6 KKZ J . -6.90 -24.94 -28.87
C7 KKZ J . -6.29 -26.27 -28.54
C8 KKZ J . -5.34 -25.41 -30.33
C10 KKZ J . -4.74 -24.05 -32.24
C13 KKZ J . -6.45 -27.12 -27.32
C15 KKZ J . -5.48 -28.77 -25.85
C17 KKZ J . -7.59 -27.75 -25.27
C20 KKZ J . -11.06 -19.72 -25.56
C22 KKZ J . -13.01 -18.31 -25.32
C24 KKZ J . -11.19 -17.67 -26.77
C1 KKZ J . -9.09 -23.05 -25.50
O1 KKZ J . -10.08 -21.03 -23.93
C2 KKZ J . -7.70 -23.01 -26.17
C3 KKZ J . -8.71 -21.89 -28.15
C9 KKZ J . -4.53 -25.19 -31.45
N2 KKZ J . -9.84 -21.88 -25.99
C11 KKZ J . -5.72 -23.14 -31.88
C12 KKZ J . -6.46 -23.40 -30.73
O2 KKZ J . -10.65 -16.78 -27.67
CL1 KKZ J . -6.62 -29.66 -23.51
C14 KKZ J . -5.41 -27.99 -27.00
C16 KKZ J . -6.56 -28.64 -24.98
C18 KKZ J . -7.53 -26.98 -26.43
C19 KKZ J . -10.29 -20.95 -25.13
C23 KKZ J . -12.44 -17.40 -26.21
C25 KKZ J . -10.20 -17.16 -28.98
F1 KKZ J . -10.63 -18.37 -29.30
C21 KKZ J . -12.32 -19.46 -24.98
F2 KKZ J . -10.64 -16.28 -29.86
F3 KKZ J . -8.89 -17.20 -28.99
N4 KKZ J . -6.29 -24.52 -29.99
N5 KKZ J . -10.52 -18.80 -26.41
C1 PC1 K . 11.92 1.07 -41.91
C2 PC1 K . 10.49 1.26 -41.47
O21 PC1 K . 9.64 1.08 -42.66
C21 PC1 K . 8.89 -0.04 -42.75
O22 PC1 K . 8.85 -0.90 -41.90
C22 PC1 K . 8.12 -0.06 -44.04
C23 PC1 K . 6.67 -0.49 -43.92
C24 PC1 K . 6.47 -1.99 -44.08
C25 PC1 K . 5.04 -2.45 -43.86
C26 PC1 K . 4.74 -3.82 -44.45
C27 PC1 K . 3.68 -4.62 -43.71
C28 PC1 K . 2.25 -4.17 -43.90
C29 PC1 K . 1.23 -5.04 -43.19
C2A PC1 K . -0.22 -4.74 -43.52
C2B PC1 K . -0.66 -5.16 -44.93
C2C PC1 K . -0.88 -6.65 -45.14
C2D PC1 K . -2.26 -7.15 -44.72
C3 PC1 K . 10.26 2.63 -40.91
O31 PC1 K . 8.84 2.87 -40.72
C31 PC1 K . 8.34 2.82 -39.47
O32 PC1 K . 8.96 2.46 -38.51
C32 PC1 K . 6.91 3.28 -39.44
C33 PC1 K . 5.93 2.36 -40.14
C34 PC1 K . 5.21 1.39 -39.21
C35 PC1 K . 4.19 0.52 -39.93
C36 PC1 K . 3.19 -0.16 -39.02
C37 PC1 K . 2.15 -0.97 -39.78
C38 PC1 K . 1.01 -1.50 -38.93
C39 PC1 K . -0.05 -2.24 -39.72
C3A PC1 K . -1.29 -2.56 -38.91
C3B PC1 K . -2.16 -3.67 -39.48
C3C PC1 K . -3.26 -3.20 -40.41
C3D PC1 K . -4.20 -4.32 -40.83
C3E PC1 K . -5.49 -3.83 -41.46
C3F PC1 K . -6.47 -4.95 -41.78
C3G PC1 K . -7.93 -4.49 -41.90
C3H PC1 K . -8.91 -5.63 -42.06
C3I PC1 K . -10.34 -5.17 -42.15
K K L . 3.17 -17.01 -21.74
CAA Y01 M . -13.93 -14.22 -34.91
CBA Y01 M . -13.41 -13.52 -36.16
CAB Y01 M . -13.61 -12.02 -36.07
CAN Y01 M . -13.93 -14.06 -37.51
CAJ Y01 M . -13.55 -15.49 -37.86
CAO Y01 M . -13.74 -15.86 -39.31
CBB Y01 M . -13.99 -17.35 -39.58
CAC Y01 M . -15.49 -17.65 -39.51
CBE Y01 M . -13.32 -17.83 -40.89
CAP Y01 M . -11.80 -17.52 -40.92
CAQ Y01 M . -11.15 -18.57 -41.84
CBG Y01 M . -12.36 -19.28 -42.48
CBI Y01 M . -13.40 -19.31 -41.34
CAE Y01 M . -13.02 -20.29 -40.20
CAU Y01 M . -14.74 -19.74 -41.99
CAS Y01 M . -14.65 -21.05 -42.77
CBF Y01 M . -13.52 -21.08 -43.82
CBD Y01 M . -12.17 -20.63 -43.23
CAK Y01 M . -11.13 -20.49 -44.35
CAI Y01 M . -11.19 -21.60 -45.35
CAZ Y01 M . -12.19 -22.47 -45.47
CAV Y01 M . -12.13 -23.56 -46.53
CBH Y01 M . -13.43 -22.45 -44.56
CAD Y01 M . -13.33 -23.64 -43.58
CAT Y01 M . -14.69 -22.62 -45.45
CAR Y01 M . -14.62 -23.76 -46.46
CBC Y01 M . -13.40 -23.62 -47.36
OAW Y01 M . -13.32 -24.82 -48.19
CAY Y01 M . -13.91 -24.82 -49.41
OAG Y01 M . -14.42 -23.86 -49.90
CAM Y01 M . -13.84 -26.18 -50.04
CAL Y01 M . -14.92 -27.14 -49.55
CAX Y01 M . -16.32 -26.66 -49.77
OAH Y01 M . -17.07 -26.81 -48.72
OAF Y01 M . -16.72 -26.20 -50.82
CAA Y01 N . -20.81 -15.44 -11.14
CBA Y01 N . -19.87 -14.30 -10.76
CAB Y01 N . -20.39 -12.97 -11.27
CAN Y01 N . -19.53 -14.23 -9.27
CAJ Y01 N . -18.50 -15.23 -8.75
CAO Y01 N . -18.10 -15.05 -7.28
CBB Y01 N . -17.09 -13.92 -7.00
CAC Y01 N . -17.77 -12.82 -6.17
CBE Y01 N . -15.81 -14.47 -6.34
CAP Y01 N . -15.15 -15.59 -7.20
CAQ Y01 N . -13.65 -15.56 -6.91
CBG Y01 N . -13.52 -14.60 -5.72
CBI Y01 N . -14.61 -13.53 -5.99
CAE Y01 N . -14.25 -12.59 -7.17
CAU Y01 N . -14.75 -12.73 -4.69
CAS Y01 N . -13.43 -12.15 -4.17
CBF Y01 N . -12.29 -13.18 -4.04
CBD Y01 N . -12.14 -14.04 -5.32
CAK Y01 N . -11.14 -15.17 -5.06
CAI Y01 N . -9.93 -14.72 -4.32
CAZ Y01 N . -9.81 -13.58 -3.65
CAV Y01 N . -8.53 -13.23 -2.94
CBH Y01 N . -10.94 -12.54 -3.57
CAD Y01 N . -10.55 -11.34 -4.46
CAT Y01 N . -11.09 -12.08 -2.11
CAR Y01 N . -9.78 -11.69 -1.41
CBC Y01 N . -8.76 -12.80 -1.50
OAW Y01 N . -7.48 -12.28 -1.01
CAY Y01 N . -6.79 -12.96 -0.08
OAG Y01 N . -7.13 -14.01 0.37
CAM Y01 N . -5.54 -12.21 0.30
CAL Y01 N . -4.46 -13.06 0.96
CAX Y01 N . -3.89 -14.12 0.07
OAH Y01 N . -3.89 -15.30 0.63
OAF Y01 N . -3.45 -13.91 -1.04
C2 PC1 O . 5.98 -30.12 2.39
O21 PC1 O . 6.07 -31.31 1.59
C21 PC1 O . 6.64 -31.23 0.37
O22 PC1 O . 7.05 -30.20 -0.10
C22 PC1 O . 6.69 -32.57 -0.30
C23 PC1 O . 5.34 -33.12 -0.72
C24 PC1 O . 5.02 -32.89 -2.18
C25 PC1 O . 3.67 -33.44 -2.60
C26 PC1 O . 3.46 -33.48 -4.11
C27 PC1 O . 2.05 -33.85 -4.52
C28 PC1 O . 1.90 -34.15 -5.99
C29 PC1 O . 0.54 -34.75 -6.37
C2A PC1 O . 0.43 -35.10 -7.85
C2B PC1 O . -0.29 -36.43 -8.15
C2C PC1 O . -1.79 -36.35 -8.21
C2D PC1 O . -2.46 -37.52 -8.91
C2E PC1 O . -3.96 -37.38 -9.05
C2F PC1 O . -4.63 -38.42 -9.92
K K P . 3.73 18.92 20.71
K K Q . 2.54 19.29 23.20
K K R . 0.97 19.85 26.36
C2 PC1 S . 28.59 5.14 23.94
O21 PC1 S . 27.87 4.40 24.95
C21 PC1 S . 26.65 3.90 24.66
O22 PC1 S . 26.10 4.04 23.59
C22 PC1 S . 26.08 3.13 25.81
C23 PC1 S . 25.71 3.99 27.01
C24 PC1 S . 24.25 4.36 27.07
C25 PC1 S . 23.86 5.11 28.33
C26 PC1 S . 22.36 5.22 28.53
C27 PC1 S . 21.94 5.76 29.89
C28 PC1 S . 20.51 5.43 30.28
C29 PC1 S . 20.05 6.02 31.59
C2A PC1 S . 18.58 5.80 31.85
C2B PC1 S . 18.00 6.65 32.97
C2C PC1 S . 17.99 5.98 34.33
C2D PC1 S . 17.20 6.77 35.39
C2E PC1 S . 16.86 5.99 36.64
C2F PC1 S . 16.00 6.78 37.61
C2G PC1 S . 15.17 5.93 38.58
C2H PC1 S . 14.17 6.73 39.41
C2I PC1 S . 13.34 5.88 40.34
C1 PC1 T . -14.31 26.09 -0.13
C2 PC1 T . -13.99 27.17 0.88
O21 PC1 T . -15.24 27.52 1.56
C21 PC1 T . -15.41 27.16 2.84
O22 PC1 T . -14.57 26.61 3.50
C22 PC1 T . -16.79 27.51 3.33
C23 PC1 T . -16.84 28.21 4.68
C24 PC1 T . -16.78 27.26 5.87
C25 PC1 T . -16.99 27.94 7.21
C26 PC1 T . -16.50 27.14 8.40
C27 PC1 T . -17.38 27.25 9.65
C28 PC1 T . -17.31 28.58 10.40
C29 PC1 T . -16.67 28.49 11.78
C2A PC1 T . -17.05 29.62 12.75
C2B PC1 T . -18.49 29.56 13.30
C2C PC1 T . -18.74 28.48 14.36
C2D PC1 T . -18.36 28.88 15.77
C3 PC1 T . -13.40 28.38 0.22
O31 PC1 T . -13.37 29.49 1.15
C31 PC1 T . -12.19 29.85 1.69
O32 PC1 T . -11.18 29.21 1.60
C32 PC1 T . -12.30 31.17 2.38
C33 PC1 T . -13.18 31.14 3.63
C34 PC1 T . -12.38 30.99 4.90
C35 PC1 T . -13.22 31.05 6.17
C36 PC1 T . -12.38 31.24 7.43
C37 PC1 T . -13.18 31.18 8.72
C38 PC1 T . -12.41 31.69 9.93
C39 PC1 T . -13.25 31.73 11.18
C3A PC1 T . -12.51 32.26 12.39
C3B PC1 T . -13.11 31.85 13.73
C3C PC1 T . -14.10 32.85 14.31
C3D PC1 T . -14.57 32.46 15.70
C3E PC1 T . -15.28 33.56 16.48
C3F PC1 T . -15.65 33.14 17.90
C3G PC1 T . -15.85 34.28 18.87
C3H PC1 T . -16.05 33.83 20.31
C3I PC1 T . -16.27 34.97 21.27
K K U . 5.03 18.44 18.09
CAA Y01 V . -10.28 31.82 28.01
CBA Y01 V . -10.27 30.51 28.74
CAB Y01 V . -8.96 30.34 29.51
CAN Y01 V . -11.61 30.37 29.51
CAJ Y01 V . -11.92 29.00 30.09
CAO Y01 V . -13.40 28.74 30.37
CBB Y01 V . -13.68 27.67 31.44
CAC Y01 V . -13.72 28.34 32.82
CBE Y01 V . -14.95 26.86 31.11
CAP Y01 V . -14.87 26.19 29.70
CAQ Y01 V . -15.80 24.96 29.76
CBG Y01 V . -16.50 25.08 31.12
CBI Y01 V . -15.42 25.71 32.04
CAE Y01 V . -14.27 24.72 32.37
CAU Y01 V . -16.14 26.13 33.33
CAS Y01 V . -16.92 25.00 34.00
CBF Y01 V . -17.91 24.28 33.06
CBD Y01 V . -17.24 23.86 31.72
CAK Y01 V . -18.31 23.35 30.76
CAI Y01 V . -19.30 22.44 31.42
CAZ Y01 V . -19.49 22.32 32.73
CAV Y01 V . -20.54 21.37 33.29
CBH Y01 V . -18.64 23.09 33.76
CAD Y01 V . -17.65 22.10 34.42
CAT Y01 V . -19.59 23.67 34.85
CAR Y01 V . -20.60 22.68 35.41
CBC Y01 V . -21.43 22.05 34.32
OAW Y01 V . -22.28 21.04 34.92
CAY Y01 V . -23.52 21.37 35.34
OAG Y01 V . -24.01 22.45 35.16
CAM Y01 V . -24.17 20.23 36.07
CAL Y01 V . -23.75 20.12 37.53
CAX Y01 V . -24.06 21.34 38.34
OAH Y01 V . -25.21 21.29 38.95
OAF Y01 V . -23.29 22.28 38.45
N1 KKZ W . -0.32 20.91 30.59
N3 KKZ W . 1.26 25.27 30.74
C4 KKZ W . -1.56 19.07 31.80
C5 KKZ W . -0.62 22.11 31.38
C6 KKZ W . 0.38 23.23 31.16
C7 KKZ W . 0.08 24.63 30.69
C8 KKZ W . 2.21 24.45 31.25
C10 KKZ W . 4.35 23.69 32.04
C13 KKZ W . -1.14 25.19 30.05
C15 KKZ W . -2.08 26.83 28.54
C17 KKZ W . -3.49 25.08 29.44
C20 KKZ W . -2.69 16.45 30.79
C22 KKZ W . -3.66 14.45 31.77
C24 KKZ W . -1.26 14.69 31.53
C1 KKZ W . -2.59 20.20 29.87
O1 KKZ W . -3.57 17.76 29.09
C2 KKZ W . -1.24 20.77 29.44
C3 KKZ W . -0.21 19.68 31.42
C9 KKZ W . 3.56 24.69 31.49
N2 KKZ W . -2.35 18.94 30.58
C11 KKZ W . 3.79 22.45 32.32
C12 KKZ W . 2.45 22.25 32.01
O2 KKZ W . 0.01 14.19 31.70
CL1 KKZ W . -4.71 26.92 27.76
C14 KKZ W . -1.00 26.31 29.23
C16 KKZ W . -3.33 26.22 28.65
C18 KKZ W . -2.39 24.55 30.13
C19 KKZ W . -2.89 17.78 30.12
C23 KKZ W . -2.36 13.94 31.94
C25 KKZ W . 1.04 14.90 32.40
F1 KKZ W . 0.55 15.91 33.10
C21 KKZ W . -3.83 15.70 31.18
F2 KKZ W . 1.66 14.07 33.22
F3 KKZ W . 1.91 15.37 31.53
N4 KKZ W . 1.68 23.22 31.51
N5 KKZ W . -1.45 15.92 30.95
CAA Y01 X . 3.60 11.77 38.81
CBA Y01 X . 5.02 11.48 39.30
CAB Y01 X . 5.35 10.01 39.18
CAN Y01 X . 5.40 12.03 40.68
CAJ Y01 X . 5.38 13.54 40.87
CAO Y01 X . 6.11 14.04 42.11
CBB Y01 X . 5.58 15.37 42.67
CAC Y01 X . 4.47 15.10 43.70
CBE Y01 X . 6.72 16.26 43.22
CAP Y01 X . 7.81 16.53 42.15
CAQ Y01 X . 8.49 17.86 42.54
CBG Y01 X . 7.89 18.19 43.92
CBI Y01 X . 6.44 17.66 43.83
CAE Y01 X . 5.55 18.52 42.90
CAU Y01 X . 5.88 17.68 45.26
CAS Y01 X . 5.99 19.05 45.94
CBF Y01 X . 7.40 19.64 45.93
CBD Y01 X . 8.04 19.61 44.52
CAK Y01 X . 9.52 20.00 44.60
CAI Y01 X . 9.75 21.17 45.51
CAZ Y01 X . 8.88 21.66 46.39
CAV Y01 X . 9.25 22.85 47.25
CBH Y01 X . 7.48 21.07 46.58
CAD Y01 X . 6.45 22.05 45.94
CAT Y01 X . 7.18 20.95 48.10
CAR Y01 X . 7.53 22.18 48.93
CBC Y01 X . 8.97 22.61 48.72
OAW Y01 X . 9.19 23.86 49.43
CAY Y01 X . 9.69 23.83 50.69
OAG Y01 X . 10.02 22.82 51.25
CAM Y01 X . 9.74 25.20 51.29
CAL Y01 X . 8.40 25.68 51.84
CAX Y01 X . 7.83 24.80 52.91
OAH Y01 X . 8.21 25.12 54.11
OAF Y01 X . 7.09 23.88 52.66
#